data_6DJH
#
_entry.id   6DJH
#
_cell.length_a   50.074
_cell.length_b   105.149
_cell.length_c   194.447
_cell.angle_alpha   90.00
_cell.angle_beta   90.00
_cell.angle_gamma   90.00
#
_symmetry.space_group_name_H-M   'P 21 21 21'
#
loop_
_entity.id
_entity.type
_entity.pdbx_description
1 polymer 'Tyrosyl-DNA phosphodiesterase 1'
2 non-polymer '8-bromo-4-oxo-1,4-dihydroquinoline-3-carboxylic acid'
3 non-polymer 1,2-ETHANEDIOL
4 water water
#
_entity_poly.entity_id   1
_entity_poly.type   'polypeptide(L)'
_entity_poly.pdbx_seq_one_letter_code
;SGEGQDIWDMLDKGNPFQFYLTRVSGVKPKYNSGALHIKDILSPLFGTLVSSAQFNYCFDVDWLVKQYPPEFRKKPILLV
HGDKREAKAHLHAQAKPYENISLCQAKLDIAFGTHHTKMMLLLYEEGLRVVIHTSNLIHADWHQKTQGIWLSPLYPRIAD
GTHKSGESPTHFKADLISYLMAYNAPSLKEWIDVIHKHDLSETNVYLIGSTPGRFQGSQKDNWGHFRLKKLLKDHASSMP
NAESWPVVGQFSSVGSLGADESKWLCSEFKESMLTLGKESKTPGKSSVPLYLIYPSVENVRTSLEGYPAGGSLPYSIQTA
EKQNWLHSYFHKWSAETSGRSNAMPHIKTYMRPSPDFSKIAWFLVTSANLSKAAWGALEKNGTQLMIRSYELGVLFLPSA
FGLDSFKVKQKFFAGSQEPMATFPVPYDLPPELYGSKDRPWIWNIPYVKAPDTHGNMWVPS
;
_entity_poly.pdbx_strand_id   A,B
#
loop_
_chem_comp.id
_chem_comp.type
_chem_comp.name
_chem_comp.formula
EDO non-polymer 1,2-ETHANEDIOL 'C2 H6 O2'
GNM non-polymer '8-bromo-4-oxo-1,4-dihydroquinoline-3-carboxylic acid' 'C10 H6 Br N O3'
#
# COMPACT_ATOMS: atom_id res chain seq x y z
N ASN A 15 -1.75 3.11 -24.19
CA ASN A 15 -2.40 2.28 -23.17
C ASN A 15 -1.47 1.99 -21.98
N PRO A 16 -1.97 2.20 -20.77
CA PRO A 16 -1.19 1.85 -19.57
C PRO A 16 -1.42 0.44 -19.03
N PHE A 17 -2.28 -0.37 -19.66
CA PHE A 17 -2.66 -1.61 -18.98
C PHE A 17 -1.76 -2.78 -19.31
N GLN A 18 -1.20 -2.83 -20.51
CA GLN A 18 -0.28 -3.89 -20.92
C GLN A 18 -0.93 -5.26 -20.80
N PHE A 19 -2.20 -5.31 -21.16
CA PHE A 19 -2.96 -6.56 -21.25
C PHE A 19 -3.03 -6.95 -22.73
N TYR A 20 -2.54 -8.13 -23.07
CA TYR A 20 -2.51 -8.58 -24.46
C TYR A 20 -3.26 -9.89 -24.61
N LEU A 21 -3.66 -10.18 -25.85
CA LEU A 21 -4.09 -11.50 -26.24
C LEU A 21 -2.96 -12.17 -27.00
N THR A 22 -2.93 -13.50 -26.98
CA THR A 22 -1.99 -14.24 -27.81
C THR A 22 -2.45 -14.20 -29.27
N ARG A 23 -1.50 -14.41 -30.17
CA ARG A 23 -1.77 -14.45 -31.60
C ARG A 23 -2.59 -15.69 -31.93
N VAL A 24 -3.57 -15.53 -32.83
CA VAL A 24 -4.44 -16.62 -33.25
C VAL A 24 -4.21 -16.89 -34.73
N SER A 25 -3.80 -18.10 -35.07
N SER A 25 -3.80 -18.10 -35.07
CA SER A 25 -3.60 -18.47 -36.47
CA SER A 25 -3.61 -18.46 -36.46
C SER A 25 -4.96 -18.64 -37.15
C SER A 25 -4.96 -18.63 -37.14
N GLY A 26 -5.23 -17.83 -38.16
CA GLY A 26 -6.44 -17.94 -38.94
C GLY A 26 -7.35 -16.74 -38.89
N VAL A 27 -7.13 -15.76 -38.02
CA VAL A 27 -7.91 -14.54 -38.11
C VAL A 27 -7.17 -13.56 -38.99
N LYS A 28 -7.87 -12.52 -39.45
CA LYS A 28 -7.25 -11.52 -40.30
C LYS A 28 -6.17 -10.76 -39.54
N PRO A 29 -5.15 -10.24 -40.25
CA PRO A 29 -4.08 -9.48 -39.59
C PRO A 29 -4.55 -8.40 -38.62
N LYS A 30 -5.69 -7.75 -38.88
CA LYS A 30 -6.14 -6.67 -38.01
C LYS A 30 -6.43 -7.16 -36.59
N TYR A 31 -6.77 -8.44 -36.43
CA TYR A 31 -7.03 -9.02 -35.12
C TYR A 31 -5.79 -9.61 -34.46
N ASN A 32 -4.64 -9.60 -35.13
CA ASN A 32 -3.39 -10.00 -34.53
C ASN A 32 -2.41 -8.83 -34.35
N SER A 33 -2.76 -7.64 -34.80
CA SER A 33 -1.81 -6.53 -34.82
C SER A 33 -1.25 -6.27 -33.43
N GLY A 34 -2.12 -6.07 -32.43
CA GLY A 34 -1.63 -5.87 -31.08
C GLY A 34 -1.53 -7.11 -30.22
N ALA A 35 -1.44 -8.30 -30.81
CA ALA A 35 -1.35 -9.54 -30.05
C ALA A 35 0.11 -9.97 -29.96
N LEU A 36 0.38 -10.93 -29.08
CA LEU A 36 1.74 -11.36 -28.80
C LEU A 36 1.84 -12.87 -28.92
N HIS A 37 2.86 -13.33 -29.62
CA HIS A 37 3.23 -14.74 -29.58
C HIS A 37 4.38 -14.91 -28.59
N ILE A 38 4.57 -16.15 -28.11
CA ILE A 38 5.64 -16.41 -27.14
C ILE A 38 7.01 -16.02 -27.72
N LYS A 39 7.22 -16.25 -29.02
CA LYS A 39 8.47 -15.78 -29.64
C LYS A 39 8.64 -14.27 -29.48
N ASP A 40 7.54 -13.50 -29.61
CA ASP A 40 7.63 -12.06 -29.36
C ASP A 40 8.03 -11.76 -27.93
N ILE A 41 7.46 -12.47 -26.96
CA ILE A 41 7.74 -12.19 -25.55
C ILE A 41 9.20 -12.47 -25.24
N LEU A 42 9.76 -13.52 -25.83
CA LEU A 42 11.14 -13.91 -25.55
C LEU A 42 12.14 -13.26 -26.49
N SER A 43 11.67 -12.43 -27.41
CA SER A 43 12.53 -11.81 -28.43
C SER A 43 13.61 -10.94 -27.79
N PRO A 44 14.75 -10.76 -28.46
N PRO A 44 14.75 -10.76 -28.46
CA PRO A 44 15.77 -9.84 -27.93
CA PRO A 44 15.77 -9.85 -27.92
C PRO A 44 15.31 -8.41 -27.84
C PRO A 44 15.31 -8.40 -27.84
N LEU A 45 14.29 -8.02 -28.61
CA LEU A 45 13.74 -6.68 -28.51
C LEU A 45 13.23 -6.38 -27.11
N PHE A 46 12.76 -7.41 -26.38
CA PHE A 46 12.27 -7.22 -25.01
C PHE A 46 13.38 -7.17 -23.98
N GLY A 47 14.59 -7.57 -24.34
CA GLY A 47 15.71 -7.51 -23.43
C GLY A 47 16.68 -8.65 -23.71
N THR A 48 17.88 -8.52 -23.16
CA THR A 48 18.95 -9.49 -23.38
C THR A 48 18.94 -10.53 -22.26
N LEU A 49 18.49 -11.73 -22.59
CA LEU A 49 18.15 -12.71 -21.58
C LEU A 49 19.41 -13.27 -20.91
N VAL A 50 19.39 -13.30 -19.58
CA VAL A 50 20.40 -13.95 -18.79
C VAL A 50 19.89 -15.27 -18.20
N SER A 51 18.64 -15.29 -17.77
N SER A 51 18.63 -15.30 -17.76
CA SER A 51 18.04 -16.50 -17.23
CA SER A 51 18.06 -16.45 -17.09
C SER A 51 16.53 -16.30 -17.20
C SER A 51 16.54 -16.28 -17.03
N SER A 52 15.82 -17.38 -16.98
CA SER A 52 14.37 -17.32 -16.94
C SER A 52 13.82 -18.44 -16.07
N ALA A 53 12.65 -18.20 -15.49
CA ALA A 53 11.87 -19.22 -14.81
C ALA A 53 10.52 -19.29 -15.52
N GLN A 54 10.09 -20.51 -15.83
CA GLN A 54 8.80 -20.76 -16.48
C GLN A 54 7.94 -21.54 -15.49
N PHE A 55 6.96 -20.86 -14.88
CA PHE A 55 5.96 -21.50 -14.05
C PHE A 55 4.82 -21.94 -14.94
N ASN A 56 4.47 -23.23 -14.88
CA ASN A 56 3.35 -23.63 -15.71
C ASN A 56 2.77 -24.94 -15.21
N TYR A 57 1.78 -25.44 -15.95
CA TYR A 57 1.12 -26.70 -15.65
C TYR A 57 1.62 -27.77 -16.61
N CYS A 58 1.43 -27.57 -17.91
N CYS A 58 1.46 -27.56 -17.90
CA CYS A 58 1.87 -28.50 -18.94
CA CYS A 58 1.86 -28.51 -18.93
C CYS A 58 3.05 -27.92 -19.69
C CYS A 58 3.02 -27.94 -19.75
N PHE A 59 4.03 -28.77 -20.01
CA PHE A 59 5.24 -28.36 -20.70
C PHE A 59 5.54 -29.32 -21.86
N ASP A 60 5.86 -28.74 -23.02
CA ASP A 60 6.49 -29.46 -24.14
C ASP A 60 7.89 -28.84 -24.28
N VAL A 61 8.89 -29.53 -23.73
CA VAL A 61 10.19 -28.88 -23.53
C VAL A 61 10.89 -28.63 -24.85
N ASP A 62 10.82 -29.60 -25.77
N ASP A 62 10.82 -29.59 -25.78
CA ASP A 62 11.38 -29.40 -27.10
CA ASP A 62 11.40 -29.39 -27.10
C ASP A 62 10.79 -28.17 -27.78
C ASP A 62 10.80 -28.17 -27.78
N TRP A 63 9.46 -28.06 -27.77
CA TRP A 63 8.81 -26.88 -28.32
C TRP A 63 9.23 -25.61 -27.59
N LEU A 64 9.25 -25.66 -26.25
CA LEU A 64 9.57 -24.46 -25.46
C LEU A 64 10.95 -23.90 -25.79
N VAL A 65 11.98 -24.75 -25.83
CA VAL A 65 13.32 -24.23 -26.11
C VAL A 65 13.36 -23.56 -27.48
N LYS A 66 12.67 -24.14 -28.48
CA LYS A 66 12.62 -23.53 -29.82
C LYS A 66 11.96 -22.16 -29.84
N GLN A 67 11.18 -21.78 -28.81
CA GLN A 67 10.58 -20.44 -28.79
C GLN A 67 11.56 -19.35 -28.33
N TYR A 68 12.63 -19.73 -27.67
CA TYR A 68 13.66 -18.76 -27.34
C TYR A 68 14.47 -18.43 -28.59
N PRO A 69 15.00 -17.20 -28.68
CA PRO A 69 15.87 -16.89 -29.81
C PRO A 69 17.08 -17.79 -29.81
N PRO A 70 17.59 -18.17 -30.99
CA PRO A 70 18.76 -19.08 -31.04
C PRO A 70 19.88 -18.69 -30.09
N GLU A 71 20.21 -17.41 -30.03
CA GLU A 71 21.32 -16.96 -29.19
C GLU A 71 21.04 -17.11 -27.69
N PHE A 72 19.78 -17.33 -27.30
CA PHE A 72 19.42 -17.42 -25.89
C PHE A 72 19.11 -18.85 -25.44
N ARG A 73 19.20 -19.86 -26.32
CA ARG A 73 18.68 -21.18 -26.01
C ARG A 73 19.51 -21.95 -25.01
N LYS A 74 20.72 -21.52 -24.68
CA LYS A 74 21.51 -22.21 -23.68
C LYS A 74 21.58 -21.42 -22.38
N LYS A 75 20.92 -20.28 -22.29
CA LYS A 75 20.80 -19.60 -21.01
C LYS A 75 20.01 -20.48 -20.05
N PRO A 76 20.30 -20.40 -18.75
CA PRO A 76 19.59 -21.22 -17.77
C PRO A 76 18.08 -20.98 -17.79
N ILE A 77 17.31 -22.07 -17.74
CA ILE A 77 15.86 -22.05 -17.61
C ILE A 77 15.49 -22.92 -16.41
N LEU A 78 14.59 -22.42 -15.57
CA LEU A 78 14.00 -23.19 -14.49
C LEU A 78 12.54 -23.49 -14.83
N LEU A 79 12.15 -24.77 -14.82
CA LEU A 79 10.74 -25.12 -15.01
C LEU A 79 10.12 -25.39 -13.64
N VAL A 80 9.06 -24.64 -13.30
CA VAL A 80 8.38 -24.81 -12.00
C VAL A 80 7.06 -25.52 -12.28
N HIS A 81 6.89 -26.70 -11.71
CA HIS A 81 5.79 -27.58 -12.08
C HIS A 81 5.25 -28.26 -10.85
N GLY A 82 4.13 -28.99 -11.02
CA GLY A 82 3.51 -29.71 -9.93
C GLY A 82 3.45 -31.24 -10.09
N ASP A 83 4.11 -31.78 -11.11
CA ASP A 83 3.96 -33.19 -11.47
C ASP A 83 4.59 -34.13 -10.43
N LYS A 84 3.99 -35.31 -10.27
CA LYS A 84 4.45 -36.33 -9.33
C LYS A 84 4.64 -37.66 -10.04
N ARG A 85 5.44 -38.54 -9.43
CA ARG A 85 5.57 -39.93 -9.86
C ARG A 85 5.89 -40.06 -11.35
N GLU A 86 5.07 -40.79 -12.12
CA GLU A 86 5.39 -41.03 -13.53
C GLU A 86 5.33 -39.75 -14.35
N ALA A 87 4.31 -38.91 -14.12
CA ALA A 87 4.29 -37.59 -14.76
C ALA A 87 5.58 -36.83 -14.51
N LYS A 88 6.09 -36.89 -13.27
CA LYS A 88 7.34 -36.21 -12.95
C LYS A 88 8.51 -36.79 -13.72
N ALA A 89 8.57 -38.12 -13.82
CA ALA A 89 9.66 -38.73 -14.58
C ALA A 89 9.61 -38.35 -16.06
N HIS A 90 8.39 -38.33 -16.64
CA HIS A 90 8.26 -37.91 -18.04
C HIS A 90 8.82 -36.50 -18.25
N LEU A 91 8.52 -35.58 -17.33
CA LEU A 91 9.02 -34.22 -17.47
C LEU A 91 10.54 -34.18 -17.36
N HIS A 92 11.10 -34.87 -16.35
CA HIS A 92 12.56 -34.96 -16.25
C HIS A 92 13.16 -35.56 -17.52
N ALA A 93 12.52 -36.59 -18.09
CA ALA A 93 13.03 -37.19 -19.33
C ALA A 93 13.00 -36.18 -20.47
N GLN A 94 11.96 -35.35 -20.54
CA GLN A 94 11.89 -34.33 -21.57
C GLN A 94 13.04 -33.34 -21.48
N ALA A 95 13.42 -32.97 -20.26
CA ALA A 95 14.39 -31.90 -20.07
C ALA A 95 15.84 -32.41 -20.09
N LYS A 96 16.04 -33.68 -19.82
CA LYS A 96 17.41 -34.23 -19.74
C LYS A 96 18.30 -33.88 -20.93
N PRO A 97 17.84 -33.90 -22.18
CA PRO A 97 18.72 -33.50 -23.30
C PRO A 97 19.23 -32.07 -23.22
N TYR A 98 18.67 -31.21 -22.37
CA TYR A 98 19.05 -29.79 -22.32
C TYR A 98 19.76 -29.52 -21.01
N GLU A 99 21.09 -29.29 -21.09
CA GLU A 99 21.91 -29.16 -19.90
C GLU A 99 21.54 -27.93 -19.06
N ASN A 100 21.04 -26.89 -19.70
CA ASN A 100 20.75 -25.63 -19.03
C ASN A 100 19.39 -25.59 -18.33
N ILE A 101 18.63 -26.69 -18.31
CA ILE A 101 17.28 -26.69 -17.77
C ILE A 101 17.30 -27.37 -16.42
N SER A 102 16.84 -26.65 -15.39
CA SER A 102 16.59 -27.20 -14.06
C SER A 102 15.10 -27.27 -13.82
N LEU A 103 14.69 -28.15 -12.91
CA LEU A 103 13.29 -28.30 -12.56
C LEU A 103 13.08 -28.03 -11.08
N CYS A 104 11.90 -27.51 -10.76
CA CYS A 104 11.50 -27.28 -9.38
C CYS A 104 10.11 -27.84 -9.20
N GLN A 105 9.96 -28.86 -8.36
CA GLN A 105 8.68 -29.49 -8.12
C GLN A 105 7.95 -28.75 -7.00
N ALA A 106 6.89 -28.05 -7.35
CA ALA A 106 6.11 -27.34 -6.35
C ALA A 106 5.37 -28.34 -5.46
N LYS A 107 5.47 -28.17 -4.14
CA LYS A 107 4.84 -29.12 -3.23
C LYS A 107 3.33 -28.97 -3.26
N LEU A 108 2.63 -30.11 -3.27
CA LEU A 108 1.17 -30.16 -3.34
C LEU A 108 0.71 -31.12 -2.24
N ASP A 109 0.68 -30.63 -1.01
CA ASP A 109 0.43 -31.45 0.17
C ASP A 109 -1.05 -31.64 0.47
N ILE A 110 -1.95 -31.03 -0.30
CA ILE A 110 -3.38 -31.24 -0.12
C ILE A 110 -3.87 -32.05 -1.31
N ALA A 111 -4.80 -32.97 -1.05
CA ALA A 111 -5.25 -33.86 -2.11
C ALA A 111 -5.91 -33.09 -3.24
N PHE A 112 -5.71 -33.55 -4.47
CA PHE A 112 -6.36 -33.03 -5.66
C PHE A 112 -5.91 -31.61 -6.00
N GLY A 113 -4.75 -31.20 -5.50
CA GLY A 113 -4.23 -29.90 -5.87
C GLY A 113 -3.40 -29.97 -7.13
N THR A 114 -3.25 -28.81 -7.77
CA THR A 114 -2.51 -28.71 -9.02
C THR A 114 -1.67 -27.44 -9.00
N HIS A 115 -0.62 -27.41 -9.83
CA HIS A 115 0.14 -26.17 -10.02
C HIS A 115 -0.30 -25.54 -11.33
N HIS A 116 -1.26 -24.61 -11.25
CA HIS A 116 -1.84 -23.99 -12.43
C HIS A 116 -1.24 -22.65 -12.81
N THR A 117 -0.46 -22.03 -11.91
CA THR A 117 0.14 -20.71 -12.16
C THR A 117 0.94 -20.68 -13.45
N LYS A 118 0.69 -19.65 -14.27
CA LYS A 118 1.41 -19.44 -15.52
C LYS A 118 2.12 -18.10 -15.47
N MET A 119 3.45 -18.15 -15.37
CA MET A 119 4.25 -16.97 -15.11
C MET A 119 5.63 -17.18 -15.71
N MET A 120 6.21 -16.11 -16.26
CA MET A 120 7.60 -16.10 -16.69
C MET A 120 8.34 -15.05 -15.87
N LEU A 121 9.47 -15.44 -15.28
CA LEU A 121 10.40 -14.48 -14.72
C LEU A 121 11.57 -14.40 -15.71
N LEU A 122 11.82 -13.21 -16.24
CA LEU A 122 12.82 -13.03 -17.28
C LEU A 122 13.87 -12.05 -16.75
N LEU A 123 15.07 -12.56 -16.44
CA LEU A 123 16.18 -11.73 -15.99
C LEU A 123 17.02 -11.32 -17.20
N TYR A 124 17.16 -10.02 -17.41
CA TYR A 124 17.97 -9.49 -18.50
C TYR A 124 19.24 -8.83 -17.96
N GLU A 125 20.15 -8.49 -18.88
CA GLU A 125 21.22 -7.56 -18.56
C GLU A 125 20.67 -6.19 -18.17
N GLU A 126 19.57 -5.79 -18.79
CA GLU A 126 18.98 -4.46 -18.66
C GLU A 126 18.01 -4.36 -17.48
N GLY A 127 17.61 -5.46 -16.88
CA GLY A 127 16.60 -5.39 -15.82
C GLY A 127 15.89 -6.73 -15.67
N LEU A 128 14.63 -6.66 -15.21
CA LEU A 128 13.83 -7.84 -14.95
C LEU A 128 12.43 -7.62 -15.51
N ARG A 129 11.83 -8.67 -16.05
CA ARG A 129 10.44 -8.59 -16.47
C ARG A 129 9.65 -9.75 -15.87
N VAL A 130 8.40 -9.48 -15.55
CA VAL A 130 7.47 -10.49 -15.04
C VAL A 130 6.33 -10.59 -16.04
N VAL A 131 5.99 -11.81 -16.45
CA VAL A 131 4.88 -12.07 -17.36
C VAL A 131 3.92 -12.99 -16.65
N ILE A 132 2.66 -12.58 -16.50
CA ILE A 132 1.64 -13.44 -15.90
C ILE A 132 0.58 -13.67 -16.98
N HIS A 133 0.32 -14.95 -17.27
CA HIS A 133 -0.43 -15.27 -18.47
C HIS A 133 -1.29 -16.51 -18.20
N THR A 134 -1.92 -17.04 -19.26
CA THR A 134 -2.88 -18.12 -19.09
C THR A 134 -2.60 -19.34 -19.96
N SER A 135 -1.51 -19.37 -20.72
CA SER A 135 -1.25 -20.45 -21.65
C SER A 135 -0.28 -21.49 -21.09
N ASN A 136 -0.59 -22.77 -21.35
CA ASN A 136 0.39 -23.83 -21.12
C ASN A 136 1.52 -23.69 -22.14
N LEU A 137 2.67 -24.30 -21.83
CA LEU A 137 3.82 -24.19 -22.73
C LEU A 137 3.85 -25.35 -23.72
N ILE A 138 2.80 -25.38 -24.54
CA ILE A 138 2.64 -26.37 -25.60
C ILE A 138 2.12 -25.63 -26.83
N HIS A 139 2.37 -26.21 -28.00
CA HIS A 139 2.04 -25.54 -29.27
C HIS A 139 0.57 -25.15 -29.35
N ALA A 140 -0.33 -26.06 -28.95
CA ALA A 140 -1.74 -25.82 -29.19
C ALA A 140 -2.33 -24.70 -28.33
N ASP A 141 -1.71 -24.41 -27.17
CA ASP A 141 -2.23 -23.32 -26.36
C ASP A 141 -1.92 -21.95 -26.94
N TRP A 142 -0.96 -21.85 -27.86
CA TRP A 142 -0.59 -20.58 -28.48
C TRP A 142 -1.03 -20.51 -29.94
N HIS A 143 -1.83 -21.47 -30.40
CA HIS A 143 -2.11 -21.57 -31.83
C HIS A 143 -3.47 -20.94 -32.16
N GLN A 144 -4.58 -21.48 -31.64
CA GLN A 144 -5.89 -20.96 -32.01
C GLN A 144 -6.81 -20.79 -30.80
N LYS A 145 -6.25 -20.46 -29.65
CA LYS A 145 -7.04 -20.22 -28.44
C LYS A 145 -7.06 -18.73 -28.10
N THR A 146 -8.07 -18.32 -27.34
CA THR A 146 -8.06 -16.99 -26.74
C THR A 146 -7.36 -17.13 -25.39
N GLN A 147 -6.22 -16.44 -25.25
CA GLN A 147 -5.36 -16.46 -24.07
C GLN A 147 -5.00 -15.02 -23.70
N GLY A 148 -4.73 -14.77 -22.41
CA GLY A 148 -4.41 -13.44 -21.91
C GLY A 148 -2.97 -13.37 -21.41
N ILE A 149 -2.38 -12.17 -21.50
CA ILE A 149 -1.01 -11.91 -21.06
C ILE A 149 -0.96 -10.55 -20.40
N TRP A 150 -0.35 -10.47 -19.22
CA TRP A 150 0.03 -9.19 -18.65
C TRP A 150 1.54 -9.11 -18.67
N LEU A 151 2.06 -8.00 -19.22
CA LEU A 151 3.49 -7.76 -19.33
C LEU A 151 3.88 -6.67 -18.34
N SER A 152 4.80 -7.00 -17.44
CA SER A 152 5.29 -5.97 -16.55
C SER A 152 6.16 -4.98 -17.32
N PRO A 153 6.38 -3.80 -16.76
CA PRO A 153 7.45 -2.94 -17.27
C PRO A 153 8.79 -3.62 -17.09
N LEU A 154 9.79 -3.10 -17.79
CA LEU A 154 11.17 -3.49 -17.52
C LEU A 154 11.60 -2.90 -16.19
N TYR A 155 11.87 -3.75 -15.23
CA TYR A 155 12.22 -3.28 -13.88
C TYR A 155 13.73 -3.12 -13.77
N PRO A 156 14.26 -1.94 -13.51
CA PRO A 156 15.71 -1.77 -13.47
C PRO A 156 16.29 -2.32 -12.17
N ARG A 157 17.58 -2.63 -12.22
CA ARG A 157 18.27 -3.10 -11.03
C ARG A 157 18.49 -1.92 -10.07
N ILE A 158 18.33 -2.18 -8.76
CA ILE A 158 18.66 -1.17 -7.78
C ILE A 158 20.18 -1.14 -7.61
N ALA A 159 20.75 0.06 -7.62
CA ALA A 159 22.21 0.22 -7.57
C ALA A 159 22.76 -0.43 -6.30
N ASP A 160 23.90 -1.09 -6.45
CA ASP A 160 24.55 -1.72 -5.30
C ASP A 160 24.97 -0.65 -4.29
N GLY A 161 24.61 -0.87 -3.02
CA GLY A 161 24.80 0.11 -1.98
C GLY A 161 23.62 1.04 -1.74
N THR A 162 22.75 1.21 -2.73
CA THR A 162 21.55 2.03 -2.56
C THR A 162 20.49 1.22 -1.82
N HIS A 163 19.92 1.84 -0.78
CA HIS A 163 18.82 1.25 -0.01
C HIS A 163 17.53 1.96 -0.39
N LYS A 164 16.69 1.30 -1.19
CA LYS A 164 15.31 1.71 -1.37
C LYS A 164 14.44 0.46 -1.45
N SER A 165 13.14 0.64 -1.23
CA SER A 165 12.27 -0.53 -1.21
C SER A 165 12.10 -1.10 -2.61
N GLY A 166 12.04 -0.22 -3.61
CA GLY A 166 11.64 -0.67 -4.94
C GLY A 166 10.18 -1.12 -5.01
N GLU A 167 9.34 -0.64 -4.11
CA GLU A 167 7.97 -1.14 -3.95
C GLU A 167 6.99 -0.22 -4.65
N SER A 168 5.88 -0.80 -5.13
N SER A 168 5.88 -0.80 -5.14
CA SER A 168 4.84 -0.05 -5.84
CA SER A 168 4.85 -0.03 -5.84
C SER A 168 3.71 0.34 -4.89
C SER A 168 3.70 0.33 -4.91
N PRO A 169 2.87 1.31 -5.27
CA PRO A 169 1.69 1.60 -4.45
C PRO A 169 0.76 0.41 -4.32
N THR A 170 0.83 -0.56 -5.23
CA THR A 170 -0.01 -1.75 -5.11
C THR A 170 0.65 -2.88 -4.32
N HIS A 171 1.84 -2.66 -3.79
CA HIS A 171 2.54 -3.66 -2.97
C HIS A 171 2.94 -4.89 -3.79
N PHE A 172 3.09 -4.72 -5.10
CA PHE A 172 3.33 -5.85 -6.00
C PHE A 172 4.64 -6.58 -5.65
N LYS A 173 5.68 -5.84 -5.30
CA LYS A 173 6.97 -6.51 -5.06
C LYS A 173 6.90 -7.41 -3.83
N ALA A 174 6.41 -6.87 -2.71
CA ALA A 174 6.22 -7.67 -1.52
C ALA A 174 5.29 -8.86 -1.78
N ASP A 175 4.22 -8.65 -2.54
CA ASP A 175 3.24 -9.71 -2.75
C ASP A 175 3.80 -10.80 -3.65
N LEU A 176 4.58 -10.43 -4.68
CA LEU A 176 5.20 -11.45 -5.52
C LEU A 176 6.22 -12.27 -4.72
N ILE A 177 7.00 -11.61 -3.86
CA ILE A 177 7.94 -12.35 -3.02
C ILE A 177 7.21 -13.30 -2.08
N SER A 178 6.12 -12.83 -1.46
N SER A 178 6.11 -12.84 -1.46
CA SER A 178 5.29 -13.67 -0.60
CA SER A 178 5.33 -13.71 -0.58
C SER A 178 4.83 -14.92 -1.33
C SER A 178 4.80 -14.93 -1.32
N TYR A 179 4.36 -14.73 -2.56
CA TYR A 179 3.87 -15.86 -3.34
C TYR A 179 4.99 -16.89 -3.56
N LEU A 180 6.17 -16.42 -3.96
CA LEU A 180 7.30 -17.31 -4.18
C LEU A 180 7.80 -17.95 -2.89
N MET A 181 7.77 -17.22 -1.77
N MET A 181 7.79 -17.21 -1.78
CA MET A 181 8.21 -17.80 -0.51
CA MET A 181 8.19 -17.78 -0.50
C MET A 181 7.33 -18.98 -0.10
C MET A 181 7.34 -18.99 -0.13
N ALA A 182 6.07 -18.98 -0.54
CA ALA A 182 5.16 -20.06 -0.18
C ALA A 182 5.59 -21.41 -0.75
N TYR A 183 6.37 -21.43 -1.83
CA TYR A 183 6.85 -22.69 -2.37
C TYR A 183 7.88 -23.36 -1.46
N ASN A 184 8.59 -22.57 -0.66
CA ASN A 184 9.64 -23.11 0.22
C ASN A 184 10.69 -23.87 -0.58
N ALA A 185 11.10 -23.31 -1.72
CA ALA A 185 11.96 -24.05 -2.64
C ALA A 185 13.30 -23.35 -2.85
N PRO A 186 14.42 -24.08 -2.87
CA PRO A 186 15.74 -23.41 -3.01
C PRO A 186 15.93 -22.70 -4.33
N SER A 187 15.48 -23.29 -5.45
CA SER A 187 15.65 -22.62 -6.73
C SER A 187 14.86 -21.31 -6.79
N LEU A 188 13.75 -21.21 -6.05
CA LEU A 188 13.01 -19.95 -6.09
C LEU A 188 13.53 -18.93 -5.08
N LYS A 189 14.27 -19.37 -4.05
CA LYS A 189 14.92 -18.38 -3.18
C LYS A 189 15.91 -17.54 -3.97
N GLU A 190 16.56 -18.14 -4.98
CA GLU A 190 17.43 -17.38 -5.88
C GLU A 190 16.65 -16.30 -6.60
N TRP A 191 15.50 -16.66 -7.14
CA TRP A 191 14.68 -15.67 -7.85
C TRP A 191 14.15 -14.62 -6.88
N ILE A 192 13.86 -14.99 -5.64
CA ILE A 192 13.45 -13.99 -4.65
C ILE A 192 14.57 -12.97 -4.44
N ASP A 193 15.80 -13.44 -4.35
CA ASP A 193 16.92 -12.50 -4.19
C ASP A 193 17.07 -11.61 -5.41
N VAL A 194 16.80 -12.14 -6.61
CA VAL A 194 16.81 -11.32 -7.83
C VAL A 194 15.76 -10.22 -7.75
N ILE A 195 14.54 -10.57 -7.33
CA ILE A 195 13.47 -9.58 -7.24
C ILE A 195 13.80 -8.53 -6.20
N HIS A 196 14.35 -8.94 -5.04
CA HIS A 196 14.76 -7.96 -4.02
C HIS A 196 15.66 -6.88 -4.63
N LYS A 197 16.50 -7.26 -5.58
CA LYS A 197 17.48 -6.35 -6.13
C LYS A 197 16.93 -5.48 -7.24
N HIS A 198 15.66 -5.60 -7.61
CA HIS A 198 15.11 -4.76 -8.68
C HIS A 198 14.05 -3.82 -8.17
N ASP A 199 13.85 -2.73 -8.91
CA ASP A 199 12.88 -1.69 -8.57
C ASP A 199 11.57 -1.98 -9.32
N LEU A 200 10.54 -2.37 -8.58
CA LEU A 200 9.23 -2.69 -9.15
C LEU A 200 8.22 -1.57 -8.91
N SER A 201 8.69 -0.35 -8.62
CA SER A 201 7.78 0.69 -8.15
C SER A 201 6.80 1.15 -9.21
N GLU A 202 7.06 0.90 -10.49
CA GLU A 202 6.15 1.35 -11.52
C GLU A 202 4.91 0.47 -11.67
N THR A 203 4.84 -0.65 -10.96
CA THR A 203 3.74 -1.58 -11.19
C THR A 203 2.40 -1.01 -10.74
N ASN A 204 1.39 -1.07 -11.62
CA ASN A 204 0.07 -0.53 -11.31
C ASN A 204 -1.01 -1.60 -11.20
N VAL A 205 -0.64 -2.88 -11.11
CA VAL A 205 -1.61 -3.96 -10.88
C VAL A 205 -1.37 -4.59 -9.50
N TYR A 206 -2.42 -5.21 -8.96
CA TYR A 206 -2.32 -5.97 -7.72
C TYR A 206 -2.21 -7.45 -8.04
N LEU A 207 -1.34 -8.16 -7.28
CA LEU A 207 -1.20 -9.60 -7.44
C LEU A 207 -2.29 -10.31 -6.66
N ILE A 208 -2.94 -11.30 -7.28
CA ILE A 208 -3.89 -12.17 -6.58
C ILE A 208 -3.42 -13.61 -6.79
N GLY A 209 -2.98 -14.25 -5.73
CA GLY A 209 -2.51 -15.60 -5.88
C GLY A 209 -3.26 -16.58 -5.01
N SER A 210 -3.14 -17.83 -5.37
CA SER A 210 -3.58 -18.94 -4.55
C SER A 210 -2.37 -19.82 -4.32
N THR A 211 -2.23 -20.30 -3.10
N THR A 211 -2.20 -20.27 -3.09
CA THR A 211 -1.23 -21.31 -2.79
CA THR A 211 -1.23 -21.29 -2.75
C THR A 211 -1.91 -22.33 -1.88
C THR A 211 -1.94 -22.33 -1.90
N PRO A 212 -1.50 -23.59 -1.95
CA PRO A 212 -2.20 -24.63 -1.18
C PRO A 212 -2.01 -24.43 0.32
N GLY A 213 -3.08 -24.61 1.07
CA GLY A 213 -2.94 -24.59 2.51
C GLY A 213 -4.26 -24.32 3.20
N ARG A 214 -4.16 -24.18 4.52
N ARG A 214 -4.17 -24.19 4.53
CA ARG A 214 -5.30 -23.88 5.37
CA ARG A 214 -5.31 -23.88 5.37
C ARG A 214 -4.96 -22.62 6.15
C ARG A 214 -4.97 -22.62 6.15
N PHE A 215 -5.62 -21.52 5.81
CA PHE A 215 -5.23 -20.19 6.26
C PHE A 215 -6.25 -19.64 7.24
N GLN A 216 -5.77 -19.19 8.39
CA GLN A 216 -6.62 -18.62 9.41
C GLN A 216 -5.98 -17.32 9.93
N GLY A 217 -6.78 -16.54 10.65
CA GLY A 217 -6.21 -15.38 11.32
C GLY A 217 -5.68 -14.34 10.34
N SER A 218 -4.44 -13.90 10.54
CA SER A 218 -3.88 -12.87 9.68
C SER A 218 -3.74 -13.37 8.25
N GLN A 219 -3.44 -14.65 8.07
CA GLN A 219 -3.17 -15.22 6.76
C GLN A 219 -4.43 -15.43 5.93
N LYS A 220 -5.61 -15.30 6.52
CA LYS A 220 -6.84 -15.60 5.78
C LYS A 220 -7.00 -14.71 4.55
N ASP A 221 -6.52 -13.45 4.62
CA ASP A 221 -6.71 -12.49 3.54
C ASP A 221 -5.61 -12.57 2.48
N ASN A 222 -4.66 -13.51 2.61
CA ASN A 222 -3.50 -13.48 1.73
C ASN A 222 -3.80 -14.07 0.37
N TRP A 223 -4.79 -14.96 0.26
CA TRP A 223 -4.90 -15.78 -0.94
C TRP A 223 -6.35 -15.94 -1.37
N GLY A 224 -6.51 -16.37 -2.61
CA GLY A 224 -7.81 -16.79 -3.12
C GLY A 224 -8.86 -15.70 -3.10
N HIS A 225 -10.11 -16.12 -2.89
CA HIS A 225 -11.15 -15.11 -3.02
C HIS A 225 -11.18 -14.16 -1.83
N PHE A 226 -10.58 -14.53 -0.69
CA PHE A 226 -10.45 -13.55 0.40
C PHE A 226 -9.41 -12.49 0.08
N ARG A 227 -8.36 -12.84 -0.68
CA ARG A 227 -7.43 -11.83 -1.14
C ARG A 227 -8.17 -10.82 -2.00
N LEU A 228 -9.01 -11.31 -2.92
CA LEU A 228 -9.77 -10.43 -3.80
C LEU A 228 -10.69 -9.53 -2.98
N LYS A 229 -11.41 -10.12 -2.03
CA LYS A 229 -12.32 -9.36 -1.18
C LYS A 229 -11.59 -8.23 -0.46
N LYS A 230 -10.44 -8.56 0.13
CA LYS A 230 -9.66 -7.58 0.88
C LYS A 230 -9.22 -6.42 -0.01
N LEU A 231 -8.77 -6.72 -1.23
CA LEU A 231 -8.37 -5.67 -2.15
C LEU A 231 -9.54 -4.78 -2.55
N LEU A 232 -10.70 -5.38 -2.80
CA LEU A 232 -11.87 -4.60 -3.20
C LEU A 232 -12.42 -3.78 -2.05
N LYS A 233 -12.31 -4.29 -0.82
CA LYS A 233 -12.70 -3.52 0.34
C LYS A 233 -11.81 -2.28 0.50
N ASP A 234 -10.50 -2.43 0.28
CA ASP A 234 -9.52 -1.40 0.59
C ASP A 234 -9.25 -0.41 -0.54
N HIS A 235 -9.45 -0.80 -1.81
CA HIS A 235 -8.96 0.02 -2.91
C HIS A 235 -10.00 0.26 -4.00
N ALA A 236 -11.24 -0.17 -3.79
CA ALA A 236 -12.36 0.17 -4.67
C ALA A 236 -13.38 0.95 -3.86
N SER A 237 -14.24 1.68 -4.58
CA SER A 237 -15.29 2.47 -3.96
C SER A 237 -16.66 1.94 -4.35
N SER A 238 -17.56 1.90 -3.38
CA SER A 238 -18.94 1.55 -3.67
C SER A 238 -19.64 2.75 -4.29
N MET A 239 -20.46 2.49 -5.29
CA MET A 239 -21.24 3.51 -5.96
C MET A 239 -22.73 3.32 -5.65
N PRO A 240 -23.54 4.37 -5.80
CA PRO A 240 -24.99 4.19 -5.68
C PRO A 240 -25.49 3.17 -6.68
N ASN A 241 -26.46 2.36 -6.25
CA ASN A 241 -27.04 1.31 -7.07
C ASN A 241 -25.99 0.26 -7.45
N ALA A 242 -25.06 -0.01 -6.52
CA ALA A 242 -24.05 -1.04 -6.74
C ALA A 242 -24.67 -2.41 -6.92
N GLU A 243 -25.85 -2.65 -6.33
CA GLU A 243 -26.54 -3.91 -6.48
C GLU A 243 -26.97 -4.16 -7.93
N SER A 244 -26.96 -3.13 -8.77
CA SER A 244 -27.29 -3.29 -10.18
C SER A 244 -26.09 -3.60 -11.05
N TRP A 245 -24.87 -3.49 -10.50
CA TRP A 245 -23.66 -3.80 -11.28
C TRP A 245 -23.43 -5.29 -11.26
N PRO A 246 -23.55 -5.96 -12.40
CA PRO A 246 -23.42 -7.42 -12.42
C PRO A 246 -22.01 -7.86 -12.08
N VAL A 247 -21.88 -9.16 -11.88
N VAL A 247 -21.87 -9.17 -11.88
CA VAL A 247 -20.59 -9.82 -11.79
CA VAL A 247 -20.57 -9.82 -11.78
C VAL A 247 -20.47 -10.75 -12.99
C VAL A 247 -20.45 -10.79 -12.95
N VAL A 248 -19.32 -10.75 -13.65
CA VAL A 248 -19.08 -11.61 -14.81
C VAL A 248 -17.89 -12.51 -14.51
N GLY A 249 -18.06 -13.81 -14.68
CA GLY A 249 -16.96 -14.77 -14.57
C GLY A 249 -16.84 -15.55 -15.87
N GLN A 250 -15.61 -15.75 -16.33
CA GLN A 250 -15.37 -16.34 -17.63
C GLN A 250 -14.21 -17.31 -17.47
N PHE A 251 -14.39 -18.58 -17.84
CA PHE A 251 -13.46 -19.63 -17.42
C PHE A 251 -13.52 -20.79 -18.40
N SER A 252 -12.55 -21.70 -18.29
CA SER A 252 -12.51 -22.83 -19.20
C SER A 252 -12.76 -24.17 -18.51
N SER A 253 -13.04 -24.17 -17.22
CA SER A 253 -13.30 -25.40 -16.49
C SER A 253 -14.16 -25.05 -15.28
N VAL A 254 -14.94 -26.02 -14.80
CA VAL A 254 -15.78 -25.83 -13.63
C VAL A 254 -15.51 -26.98 -12.67
N GLY A 255 -15.37 -26.66 -11.38
CA GLY A 255 -15.23 -27.68 -10.36
C GLY A 255 -16.59 -28.10 -9.87
N SER A 256 -16.59 -29.03 -8.92
N SER A 256 -16.58 -29.03 -8.90
CA SER A 256 -17.83 -29.40 -8.23
CA SER A 256 -17.80 -29.41 -8.19
C SER A 256 -18.15 -28.30 -7.23
C SER A 256 -18.14 -28.29 -7.21
N LEU A 257 -19.25 -27.59 -7.45
CA LEU A 257 -19.60 -26.45 -6.61
C LEU A 257 -20.64 -26.76 -5.55
N GLY A 258 -21.18 -27.96 -5.53
CA GLY A 258 -22.17 -28.34 -4.54
C GLY A 258 -23.55 -28.49 -5.15
N ALA A 259 -24.49 -28.89 -4.29
CA ALA A 259 -25.82 -29.31 -4.74
C ALA A 259 -26.73 -28.13 -5.09
N ASP A 260 -26.41 -26.92 -4.65
CA ASP A 260 -27.15 -25.74 -5.07
C ASP A 260 -26.26 -24.51 -4.94
N GLU A 261 -26.77 -23.38 -5.42
CA GLU A 261 -25.94 -22.17 -5.47
C GLU A 261 -25.57 -21.65 -4.09
N SER A 262 -26.36 -21.99 -3.06
CA SER A 262 -26.08 -21.49 -1.72
C SER A 262 -24.86 -22.17 -1.09
N LYS A 263 -24.41 -23.31 -1.64
CA LYS A 263 -23.32 -24.06 -1.01
C LYS A 263 -21.99 -23.32 -1.10
N TRP A 264 -21.70 -22.67 -2.24
CA TRP A 264 -20.41 -21.99 -2.40
C TRP A 264 -20.49 -20.82 -3.38
N LEU A 265 -21.08 -21.07 -4.55
CA LEU A 265 -21.06 -20.10 -5.64
C LEU A 265 -21.65 -18.77 -5.22
N CYS A 266 -22.87 -18.79 -4.69
CA CYS A 266 -23.52 -17.54 -4.33
C CYS A 266 -23.36 -17.20 -2.86
N SER A 267 -22.86 -18.12 -2.04
CA SER A 267 -22.62 -17.79 -0.63
C SER A 267 -21.29 -17.08 -0.46
N GLU A 268 -20.17 -17.78 -0.65
CA GLU A 268 -18.91 -17.11 -0.36
C GLU A 268 -18.22 -16.55 -1.61
N PHE A 269 -18.29 -17.25 -2.76
CA PHE A 269 -17.60 -16.74 -3.95
C PHE A 269 -18.20 -15.42 -4.42
N LYS A 270 -19.50 -15.43 -4.75
CA LYS A 270 -20.15 -14.21 -5.19
C LYS A 270 -20.02 -13.10 -4.14
N GLU A 271 -20.10 -13.46 -2.86
CA GLU A 271 -19.99 -12.45 -1.80
C GLU A 271 -18.64 -11.75 -1.82
N SER A 272 -17.56 -12.48 -2.08
CA SER A 272 -16.27 -11.82 -2.24
C SER A 272 -16.26 -10.95 -3.49
N MET A 273 -16.81 -11.44 -4.59
CA MET A 273 -16.77 -10.73 -5.86
C MET A 273 -17.63 -9.47 -5.85
N LEU A 274 -18.68 -9.42 -5.01
N LEU A 274 -18.68 -9.41 -5.02
CA LEU A 274 -19.57 -8.28 -4.90
CA LEU A 274 -19.52 -8.22 -5.02
C LEU A 274 -18.97 -7.14 -4.10
C LEU A 274 -19.06 -7.17 -4.00
N THR A 275 -17.93 -7.39 -3.33
CA THR A 275 -17.41 -6.40 -2.40
C THR A 275 -16.95 -5.13 -3.10
N LEU A 276 -17.26 -3.98 -2.50
CA LEU A 276 -16.79 -2.68 -2.99
C LEU A 276 -16.73 -1.72 -1.82
N GLY A 277 -15.55 -1.18 -1.51
CA GLY A 277 -15.44 -0.21 -0.45
C GLY A 277 -15.58 -0.83 0.93
N LYS A 278 -15.56 0.05 1.94
CA LYS A 278 -15.33 -0.31 3.33
C LYS A 278 -16.60 -0.61 4.12
N GLU A 279 -17.79 -0.37 3.56
CA GLU A 279 -19.03 -0.45 4.31
C GLU A 279 -19.69 -1.82 4.12
N SER A 280 -20.92 -1.95 4.64
CA SER A 280 -21.65 -3.22 4.59
C SER A 280 -22.95 -3.08 3.80
N SER A 286 -28.53 -11.35 -1.92
CA SER A 286 -28.20 -10.33 -2.91
C SER A 286 -28.88 -10.56 -4.27
N SER A 287 -29.23 -9.46 -4.92
CA SER A 287 -29.85 -9.48 -6.25
C SER A 287 -28.89 -9.01 -7.34
N VAL A 288 -27.58 -9.03 -7.08
CA VAL A 288 -26.58 -8.71 -8.10
C VAL A 288 -26.63 -9.81 -9.16
N PRO A 289 -26.86 -9.49 -10.44
CA PRO A 289 -26.85 -10.53 -11.48
C PRO A 289 -25.47 -11.14 -11.64
N LEU A 290 -25.43 -12.45 -11.86
CA LEU A 290 -24.18 -13.16 -12.03
C LEU A 290 -24.20 -13.81 -13.41
N TYR A 291 -23.26 -13.41 -14.27
CA TYR A 291 -23.14 -13.96 -15.61
C TYR A 291 -21.91 -14.87 -15.63
N LEU A 292 -22.10 -16.11 -16.02
CA LEU A 292 -20.98 -17.04 -16.21
C LEU A 292 -20.83 -17.34 -17.69
N ILE A 293 -19.61 -17.21 -18.21
CA ILE A 293 -19.35 -17.39 -19.64
C ILE A 293 -18.55 -18.67 -19.82
N TYR A 294 -19.10 -19.63 -20.57
CA TYR A 294 -18.43 -20.91 -20.70
C TYR A 294 -18.86 -21.51 -22.04
N PRO A 295 -17.94 -22.03 -22.85
CA PRO A 295 -18.30 -22.43 -24.24
C PRO A 295 -19.38 -23.52 -24.26
N SER A 296 -20.37 -23.31 -25.13
CA SER A 296 -21.35 -24.35 -25.41
C SER A 296 -20.77 -25.41 -26.35
N VAL A 297 -21.49 -26.51 -26.51
CA VAL A 297 -21.06 -27.53 -27.48
C VAL A 297 -20.95 -26.90 -28.88
N GLU A 298 -21.93 -26.07 -29.25
N GLU A 298 -21.91 -26.05 -29.26
CA GLU A 298 -21.90 -25.46 -30.58
CA GLU A 298 -21.88 -25.49 -30.60
C GLU A 298 -20.71 -24.52 -30.74
C GLU A 298 -20.73 -24.48 -30.76
N ASN A 299 -20.40 -23.74 -29.71
CA ASN A 299 -19.18 -22.93 -29.70
C ASN A 299 -17.96 -23.78 -30.05
N VAL A 300 -17.84 -24.96 -29.42
CA VAL A 300 -16.66 -25.79 -29.63
C VAL A 300 -16.70 -26.43 -31.01
N ARG A 301 -17.85 -26.95 -31.42
CA ARG A 301 -17.97 -27.65 -32.71
C ARG A 301 -17.56 -26.74 -33.86
N THR A 302 -17.99 -25.49 -33.85
CA THR A 302 -17.74 -24.57 -34.94
C THR A 302 -16.45 -23.77 -34.75
N SER A 303 -15.63 -24.13 -33.78
CA SER A 303 -14.41 -23.39 -33.49
C SER A 303 -13.33 -23.68 -34.55
N LEU A 304 -12.27 -22.87 -34.51
CA LEU A 304 -11.15 -23.07 -35.42
C LEU A 304 -10.55 -24.46 -35.25
N GLU A 305 -10.44 -24.93 -34.01
CA GLU A 305 -9.85 -26.23 -33.74
C GLU A 305 -10.85 -27.37 -33.93
N GLY A 306 -12.13 -27.09 -33.78
CA GLY A 306 -13.10 -28.16 -33.77
C GLY A 306 -13.25 -28.75 -32.39
N TYR A 307 -13.86 -29.93 -32.35
CA TYR A 307 -14.05 -30.64 -31.08
C TYR A 307 -12.75 -30.82 -30.29
N PRO A 308 -11.58 -30.99 -30.92
CA PRO A 308 -10.34 -31.08 -30.12
C PRO A 308 -10.08 -29.88 -29.23
N ALA A 309 -10.64 -28.70 -29.55
CA ALA A 309 -10.56 -27.59 -28.59
C ALA A 309 -11.16 -27.97 -27.24
N GLY A 310 -12.14 -28.89 -27.24
CA GLY A 310 -12.73 -29.36 -26.01
C GLY A 310 -11.80 -30.19 -25.15
N GLY A 311 -10.67 -30.64 -25.71
CA GLY A 311 -9.65 -31.27 -24.90
C GLY A 311 -9.09 -30.35 -23.84
N SER A 312 -9.25 -29.03 -24.02
CA SER A 312 -8.76 -28.04 -23.08
C SER A 312 -9.88 -27.37 -22.29
N LEU A 313 -11.06 -27.98 -22.29
CA LEU A 313 -12.21 -27.49 -21.53
C LEU A 313 -12.70 -28.70 -20.73
N PRO A 314 -11.99 -29.07 -19.66
CA PRO A 314 -12.17 -30.40 -19.05
C PRO A 314 -13.30 -30.46 -18.02
N TYR A 315 -14.52 -30.17 -18.46
CA TYR A 315 -15.72 -30.31 -17.64
C TYR A 315 -16.27 -31.73 -17.84
N SER A 316 -16.28 -32.53 -16.78
CA SER A 316 -16.65 -33.94 -16.90
C SER A 316 -18.14 -34.15 -16.64
N ILE A 317 -18.70 -35.18 -17.27
CA ILE A 317 -20.12 -35.44 -17.07
C ILE A 317 -20.41 -35.80 -15.62
N GLN A 318 -19.45 -36.43 -14.94
CA GLN A 318 -19.64 -36.81 -13.54
C GLN A 318 -19.89 -35.59 -12.67
N THR A 319 -19.10 -34.54 -12.86
CA THR A 319 -19.29 -33.31 -12.10
C THR A 319 -20.58 -32.62 -12.51
N ALA A 320 -20.80 -32.49 -13.83
CA ALA A 320 -21.88 -31.65 -14.33
C ALA A 320 -23.25 -32.17 -13.92
N GLU A 321 -23.42 -33.50 -13.90
CA GLU A 321 -24.73 -34.09 -13.60
C GLU A 321 -25.15 -33.85 -12.16
N LYS A 322 -24.22 -33.46 -11.29
CA LYS A 322 -24.55 -33.16 -9.91
C LYS A 322 -24.93 -31.69 -9.68
N GLN A 323 -24.87 -30.86 -10.70
CA GLN A 323 -25.08 -29.42 -10.52
C GLN A 323 -25.74 -28.83 -11.75
N ASN A 324 -26.85 -29.44 -12.21
CA ASN A 324 -27.58 -28.88 -13.34
C ASN A 324 -28.09 -27.47 -13.05
N TRP A 325 -28.31 -27.14 -11.77
CA TRP A 325 -28.70 -25.78 -11.43
C TRP A 325 -27.71 -24.74 -11.97
N LEU A 326 -26.43 -25.12 -12.10
CA LEU A 326 -25.41 -24.16 -12.48
C LEU A 326 -25.59 -23.69 -13.91
N HIS A 327 -26.08 -24.57 -14.78
CA HIS A 327 -26.05 -24.25 -16.19
C HIS A 327 -27.04 -23.14 -16.55
N SER A 328 -28.00 -22.84 -15.67
N SER A 328 -28.00 -22.85 -15.68
CA SER A 328 -28.88 -21.73 -15.97
CA SER A 328 -28.89 -21.72 -15.95
C SER A 328 -28.18 -20.37 -15.86
C SER A 328 -28.15 -20.39 -15.90
N TYR A 329 -26.93 -20.34 -15.38
CA TYR A 329 -26.13 -19.13 -15.35
C TYR A 329 -25.23 -18.97 -16.57
N PHE A 330 -25.19 -19.96 -17.47
CA PHE A 330 -24.16 -20.01 -18.50
C PHE A 330 -24.51 -19.16 -19.72
N HIS A 331 -23.51 -18.45 -20.22
CA HIS A 331 -23.63 -17.62 -21.41
C HIS A 331 -22.60 -18.09 -22.42
N LYS A 332 -22.93 -17.98 -23.70
CA LYS A 332 -22.04 -18.48 -24.75
C LYS A 332 -20.76 -17.66 -24.83
N TRP A 333 -19.74 -18.26 -25.44
CA TRP A 333 -18.51 -17.52 -25.76
C TRP A 333 -18.77 -16.70 -27.01
N SER A 334 -18.54 -15.40 -26.92
CA SER A 334 -18.66 -14.54 -28.08
C SER A 334 -17.61 -13.45 -27.98
N ALA A 335 -16.86 -13.23 -29.07
CA ALA A 335 -15.74 -12.29 -29.02
C ALA A 335 -15.51 -11.60 -30.36
N GLU A 336 -16.60 -11.13 -30.99
CA GLU A 336 -16.48 -10.30 -32.19
C GLU A 336 -15.58 -9.10 -31.97
N THR A 337 -15.64 -8.50 -30.77
CA THR A 337 -14.82 -7.33 -30.46
C THR A 337 -13.33 -7.57 -30.69
N SER A 338 -12.86 -8.81 -30.54
CA SER A 338 -11.46 -9.11 -30.81
C SER A 338 -11.28 -10.13 -31.93
N GLY A 339 -12.32 -10.36 -32.73
CA GLY A 339 -12.27 -11.34 -33.81
C GLY A 339 -12.04 -12.76 -33.37
N ARG A 340 -12.41 -13.11 -32.13
CA ARG A 340 -12.02 -14.39 -31.56
C ARG A 340 -13.21 -15.28 -31.16
N SER A 341 -14.39 -15.08 -31.77
CA SER A 341 -15.55 -15.91 -31.40
C SER A 341 -15.29 -17.38 -31.67
N ASN A 342 -14.46 -17.70 -32.66
CA ASN A 342 -14.15 -19.09 -32.95
C ASN A 342 -12.80 -19.55 -32.38
N ALA A 343 -12.16 -18.76 -31.53
CA ALA A 343 -10.91 -19.16 -30.86
C ALA A 343 -11.27 -19.45 -29.40
N MET A 344 -11.33 -20.73 -29.04
CA MET A 344 -11.95 -21.10 -27.77
C MET A 344 -11.15 -20.51 -26.60
N PRO A 345 -11.83 -20.05 -25.56
CA PRO A 345 -11.13 -19.41 -24.44
C PRO A 345 -10.36 -20.41 -23.58
N HIS A 346 -9.08 -20.12 -23.37
CA HIS A 346 -8.35 -20.69 -22.25
C HIS A 346 -7.93 -19.61 -21.26
N ILE A 347 -8.17 -18.36 -21.59
CA ILE A 347 -8.11 -17.25 -20.64
C ILE A 347 -9.21 -17.43 -19.59
N LYS A 348 -8.98 -16.88 -18.40
CA LYS A 348 -10.01 -16.80 -17.36
C LYS A 348 -10.06 -15.36 -16.89
N THR A 349 -11.25 -14.78 -16.82
CA THR A 349 -11.36 -13.39 -16.43
C THR A 349 -12.57 -13.22 -15.52
N TYR A 350 -12.50 -12.20 -14.69
CA TYR A 350 -13.60 -11.88 -13.80
C TYR A 350 -13.67 -10.37 -13.75
N MET A 351 -14.87 -9.80 -13.77
CA MET A 351 -14.95 -8.33 -13.81
C MET A 351 -16.30 -7.87 -13.26
N ARG A 352 -16.42 -6.55 -13.07
CA ARG A 352 -17.62 -5.95 -12.49
C ARG A 352 -18.12 -4.81 -13.36
N PRO A 353 -18.94 -5.11 -14.38
CA PRO A 353 -19.43 -4.04 -15.25
C PRO A 353 -20.60 -3.28 -14.65
N SER A 354 -20.79 -2.08 -15.19
CA SER A 354 -21.96 -1.27 -14.90
C SER A 354 -23.21 -1.95 -15.49
N PRO A 355 -24.41 -1.53 -15.03
CA PRO A 355 -25.63 -2.19 -15.51
C PRO A 355 -25.80 -2.15 -17.01
N ASP A 356 -25.28 -1.12 -17.67
CA ASP A 356 -25.32 -1.06 -19.13
C ASP A 356 -24.02 -1.55 -19.77
N PHE A 357 -23.12 -2.16 -19.00
CA PHE A 357 -21.88 -2.74 -19.52
C PHE A 357 -21.00 -1.73 -20.23
N SER A 358 -21.14 -0.44 -19.96
CA SER A 358 -20.28 0.55 -20.61
C SER A 358 -19.03 0.87 -19.81
N LYS A 359 -19.02 0.57 -18.52
CA LYS A 359 -17.81 0.70 -17.72
C LYS A 359 -17.66 -0.52 -16.82
N ILE A 360 -16.50 -0.62 -16.17
CA ILE A 360 -16.23 -1.72 -15.26
C ILE A 360 -15.54 -1.17 -14.02
N ALA A 361 -15.92 -1.69 -12.85
CA ALA A 361 -15.31 -1.29 -11.60
C ALA A 361 -13.95 -1.94 -11.38
N TRP A 362 -13.66 -3.04 -12.05
CA TRP A 362 -12.39 -3.74 -11.95
C TRP A 362 -12.37 -4.90 -12.94
N PHE A 363 -11.18 -5.41 -13.20
CA PHE A 363 -10.97 -6.52 -14.11
C PHE A 363 -9.83 -7.38 -13.59
N LEU A 364 -10.00 -8.69 -13.67
CA LEU A 364 -9.00 -9.66 -13.20
C LEU A 364 -8.77 -10.67 -14.31
N VAL A 365 -7.50 -10.92 -14.64
CA VAL A 365 -7.13 -12.00 -15.54
C VAL A 365 -6.30 -12.97 -14.73
N THR A 366 -6.56 -14.26 -14.88
CA THR A 366 -5.94 -15.20 -13.95
C THR A 366 -5.93 -16.60 -14.56
N SER A 367 -5.18 -17.48 -13.92
CA SER A 367 -5.21 -18.90 -14.23
C SER A 367 -6.35 -19.61 -13.52
N ALA A 368 -7.02 -18.97 -12.57
CA ALA A 368 -8.01 -19.63 -11.71
C ALA A 368 -9.34 -19.87 -12.44
N ASN A 369 -9.74 -21.14 -12.56
CA ASN A 369 -11.05 -21.50 -13.08
C ASN A 369 -12.10 -21.36 -11.98
N LEU A 370 -13.36 -21.71 -12.30
CA LEU A 370 -14.45 -21.57 -11.34
C LEU A 370 -14.52 -22.82 -10.48
N SER A 371 -13.67 -22.87 -9.46
CA SER A 371 -13.57 -24.06 -8.62
C SER A 371 -13.14 -23.67 -7.22
N LYS A 372 -13.59 -24.47 -6.24
CA LYS A 372 -13.14 -24.31 -4.87
C LYS A 372 -11.65 -24.55 -4.74
N ALA A 373 -11.11 -25.46 -5.56
CA ALA A 373 -9.68 -25.77 -5.52
C ALA A 373 -8.84 -24.52 -5.71
N ALA A 374 -9.24 -23.71 -6.69
CA ALA A 374 -8.49 -22.53 -7.09
C ALA A 374 -8.74 -21.34 -6.18
N TRP A 375 -10.01 -21.10 -5.86
CA TRP A 375 -10.39 -19.87 -5.17
C TRP A 375 -10.43 -20.02 -3.67
N GLY A 376 -10.48 -21.24 -3.16
CA GLY A 376 -10.59 -21.47 -1.74
C GLY A 376 -12.02 -21.73 -1.30
N ALA A 377 -12.16 -22.53 -0.24
CA ALA A 377 -13.45 -22.79 0.39
C ALA A 377 -13.30 -22.67 1.90
N LEU A 378 -14.26 -21.99 2.52
CA LEU A 378 -14.24 -21.81 3.99
C LEU A 378 -14.45 -23.13 4.72
N GLU A 379 -13.70 -23.32 5.81
CA GLU A 379 -13.76 -24.50 6.66
C GLU A 379 -13.79 -24.04 8.12
N LYS A 380 -13.97 -25.01 9.02
CA LYS A 380 -13.87 -24.79 10.47
C LYS A 380 -14.72 -23.60 10.92
N ASN A 381 -16.02 -23.69 10.62
CA ASN A 381 -16.97 -22.67 11.05
C ASN A 381 -16.59 -21.28 10.54
N GLY A 382 -16.21 -21.20 9.27
CA GLY A 382 -15.88 -19.93 8.65
C GLY A 382 -14.59 -19.27 9.09
N THR A 383 -13.71 -19.97 9.82
CA THR A 383 -12.48 -19.35 10.30
C THR A 383 -11.25 -19.71 9.47
N GLN A 384 -11.36 -20.60 8.50
CA GLN A 384 -10.19 -21.11 7.81
C GLN A 384 -10.49 -21.19 6.31
N LEU A 385 -9.57 -20.69 5.48
CA LEU A 385 -9.73 -20.76 4.03
C LEU A 385 -8.81 -21.86 3.51
N MET A 386 -9.41 -22.90 2.91
CA MET A 386 -8.64 -24.04 2.41
C MET A 386 -8.53 -23.93 0.89
N ILE A 387 -7.31 -23.99 0.40
CA ILE A 387 -6.99 -23.87 -1.02
C ILE A 387 -6.14 -25.07 -1.38
N ARG A 388 -6.45 -25.70 -2.51
CA ARG A 388 -5.70 -26.87 -2.94
C ARG A 388 -4.60 -26.59 -3.96
N SER A 389 -4.68 -25.48 -4.69
N SER A 389 -4.68 -25.46 -4.68
CA SER A 389 -3.90 -25.30 -5.91
CA SER A 389 -3.91 -25.26 -5.89
C SER A 389 -3.10 -23.99 -5.89
C SER A 389 -3.09 -23.97 -5.87
N TYR A 390 -2.10 -23.94 -6.76
CA TYR A 390 -1.36 -22.72 -7.06
C TYR A 390 -2.05 -22.04 -8.23
N GLU A 391 -2.35 -20.75 -8.08
CA GLU A 391 -2.94 -19.94 -9.16
C GLU A 391 -2.37 -18.53 -9.04
N LEU A 392 -2.44 -17.79 -10.14
CA LEU A 392 -1.94 -16.42 -10.15
C LEU A 392 -2.67 -15.57 -11.19
N GLY A 393 -3.00 -14.35 -10.79
CA GLY A 393 -3.62 -13.41 -11.70
C GLY A 393 -3.23 -12.00 -11.32
N VAL A 394 -3.67 -11.04 -12.12
CA VAL A 394 -3.46 -9.64 -11.78
C VAL A 394 -4.80 -8.92 -11.85
N LEU A 395 -5.01 -8.00 -10.91
CA LEU A 395 -6.23 -7.24 -10.75
C LEU A 395 -5.98 -5.79 -11.16
N PHE A 396 -6.80 -5.30 -12.08
CA PHE A 396 -6.80 -3.91 -12.52
C PHE A 396 -7.91 -3.17 -11.77
N LEU A 397 -7.51 -2.21 -10.93
CA LEU A 397 -8.40 -1.33 -10.17
C LEU A 397 -8.28 0.11 -10.64
N PRO A 398 -9.41 0.78 -10.91
CA PRO A 398 -9.35 2.17 -11.38
C PRO A 398 -8.52 3.07 -10.48
N SER A 399 -8.64 2.92 -9.14
CA SER A 399 -7.89 3.76 -8.22
C SER A 399 -6.39 3.69 -8.47
N ALA A 400 -5.90 2.53 -8.95
CA ALA A 400 -4.46 2.40 -9.24
C ALA A 400 -4.04 3.18 -10.47
N PHE A 401 -5.00 3.71 -11.23
CA PHE A 401 -4.72 4.49 -12.44
C PHE A 401 -5.25 5.91 -12.33
N GLY A 402 -5.62 6.34 -11.13
CA GLY A 402 -6.18 7.66 -10.91
C GLY A 402 -7.59 7.84 -11.45
N LEU A 403 -8.40 6.78 -11.44
CA LEU A 403 -9.72 6.82 -12.07
C LEU A 403 -10.76 6.27 -11.12
N ASP A 404 -12.03 6.58 -11.40
CA ASP A 404 -13.13 6.04 -10.63
C ASP A 404 -13.66 4.73 -11.20
N SER A 405 -13.61 4.59 -12.52
CA SER A 405 -14.00 3.36 -13.21
C SER A 405 -13.25 3.34 -14.52
N PHE A 406 -13.28 2.20 -15.21
CA PHE A 406 -12.74 2.10 -16.56
C PHE A 406 -13.88 2.15 -17.57
N LYS A 407 -13.70 2.92 -18.63
CA LYS A 407 -14.57 2.83 -19.78
C LYS A 407 -14.20 1.56 -20.55
N VAL A 408 -15.20 0.84 -21.05
CA VAL A 408 -14.93 -0.39 -21.79
C VAL A 408 -14.56 -0.02 -23.23
N LYS A 409 -13.44 -0.54 -23.72
CA LYS A 409 -13.02 -0.31 -25.09
C LYS A 409 -14.00 -1.00 -26.05
N GLN A 410 -14.46 -0.25 -27.06
CA GLN A 410 -15.55 -0.75 -27.92
C GLN A 410 -15.06 -1.85 -28.86
N LYS A 411 -13.88 -1.67 -29.44
CA LYS A 411 -13.22 -2.70 -30.23
C LYS A 411 -11.85 -2.95 -29.61
N PHE A 412 -11.55 -4.23 -29.32
CA PHE A 412 -10.36 -4.57 -28.54
C PHE A 412 -9.10 -3.98 -29.15
N PHE A 413 -8.99 -4.00 -30.48
CA PHE A 413 -7.79 -3.56 -31.18
C PHE A 413 -7.95 -2.17 -31.81
N ALA A 414 -9.03 -1.45 -31.53
CA ALA A 414 -9.22 -0.11 -32.10
C ALA A 414 -8.61 0.96 -31.20
N GLY A 415 -9.35 2.04 -30.96
CA GLY A 415 -8.88 3.14 -30.13
C GLY A 415 -9.92 4.20 -29.82
N PRO A 419 -8.86 8.83 -25.97
CA PRO A 419 -8.20 8.72 -24.66
C PRO A 419 -7.93 7.28 -24.23
N MET A 420 -6.67 6.84 -24.40
CA MET A 420 -6.26 5.45 -24.18
C MET A 420 -6.43 4.96 -22.75
N ALA A 421 -7.34 5.55 -21.98
CA ALA A 421 -7.68 5.07 -20.64
C ALA A 421 -8.93 4.20 -20.63
N THR A 422 -9.20 3.48 -21.72
CA THR A 422 -10.34 2.59 -21.80
C THR A 422 -9.85 1.15 -21.81
N PHE A 423 -10.56 0.27 -21.08
CA PHE A 423 -9.98 -1.04 -20.83
C PHE A 423 -10.36 -2.03 -21.93
N PRO A 424 -9.40 -2.77 -22.47
CA PRO A 424 -9.70 -3.72 -23.54
C PRO A 424 -10.28 -5.04 -23.00
N VAL A 425 -11.60 -5.11 -22.93
CA VAL A 425 -12.28 -6.36 -22.60
C VAL A 425 -12.27 -7.26 -23.84
N PRO A 426 -11.81 -8.50 -23.73
CA PRO A 426 -11.55 -9.30 -24.95
C PRO A 426 -12.76 -10.02 -25.54
N TYR A 427 -13.92 -10.01 -24.89
CA TYR A 427 -15.11 -10.63 -25.42
C TYR A 427 -16.29 -9.68 -25.36
N ASP A 428 -17.38 -10.08 -26.01
CA ASP A 428 -18.53 -9.19 -26.23
C ASP A 428 -19.36 -9.01 -24.97
N LEU A 429 -19.89 -7.79 -24.80
CA LEU A 429 -20.85 -7.48 -23.76
C LEU A 429 -22.08 -6.86 -24.43
N PRO A 430 -23.29 -7.12 -23.91
CA PRO A 430 -23.50 -8.02 -22.77
C PRO A 430 -23.37 -9.49 -23.21
N PRO A 431 -23.11 -10.39 -22.27
CA PRO A 431 -23.00 -11.80 -22.63
C PRO A 431 -24.36 -12.38 -23.00
N GLU A 432 -24.34 -13.35 -23.92
CA GLU A 432 -25.57 -13.92 -24.48
C GLU A 432 -25.91 -15.25 -23.80
N LEU A 433 -27.09 -15.33 -23.21
CA LEU A 433 -27.52 -16.54 -22.52
C LEU A 433 -27.59 -17.73 -23.48
N TYR A 434 -27.28 -18.93 -22.97
CA TYR A 434 -27.48 -20.14 -23.75
C TYR A 434 -28.91 -20.16 -24.28
N GLY A 435 -29.08 -20.60 -25.52
CA GLY A 435 -30.40 -20.90 -26.02
C GLY A 435 -30.90 -22.22 -25.45
N SER A 436 -32.20 -22.50 -25.65
CA SER A 436 -32.78 -23.68 -25.01
C SER A 436 -32.17 -24.97 -25.55
N LYS A 437 -31.66 -24.96 -26.78
CA LYS A 437 -31.01 -26.15 -27.32
C LYS A 437 -29.52 -26.23 -26.99
N ASP A 438 -28.96 -25.23 -26.31
CA ASP A 438 -27.53 -25.24 -26.05
C ASP A 438 -27.22 -26.10 -24.82
N ARG A 439 -26.02 -26.65 -24.81
CA ARG A 439 -25.53 -27.45 -23.71
C ARG A 439 -24.11 -27.02 -23.42
N PRO A 440 -23.70 -27.06 -22.16
CA PRO A 440 -22.30 -26.72 -21.85
C PRO A 440 -21.39 -27.78 -22.44
N TRP A 441 -20.23 -27.35 -22.93
CA TRP A 441 -19.27 -28.33 -23.39
C TRP A 441 -18.87 -29.26 -22.24
N ILE A 442 -19.03 -30.56 -22.45
CA ILE A 442 -18.68 -31.59 -21.46
C ILE A 442 -17.75 -32.57 -22.16
N TRP A 443 -16.52 -32.69 -21.67
CA TRP A 443 -15.49 -33.22 -22.56
C TRP A 443 -15.49 -34.74 -22.69
N ASN A 444 -16.09 -35.47 -21.75
CA ASN A 444 -15.97 -36.93 -21.78
C ASN A 444 -17.27 -37.63 -22.14
N ILE A 445 -18.06 -37.02 -23.03
CA ILE A 445 -19.21 -37.69 -23.64
C ILE A 445 -19.11 -37.47 -25.15
N PRO A 446 -19.74 -38.31 -25.95
CA PRO A 446 -19.61 -38.19 -27.40
C PRO A 446 -20.56 -37.15 -28.00
N TYR A 447 -20.12 -36.55 -29.11
CA TYR A 447 -20.93 -35.67 -29.93
C TYR A 447 -20.85 -36.19 -31.36
N VAL A 448 -21.92 -36.84 -31.80
CA VAL A 448 -21.92 -37.54 -33.07
C VAL A 448 -23.12 -37.08 -33.89
N LYS A 449 -23.75 -35.97 -33.49
CA LYS A 449 -24.90 -35.45 -34.22
C LYS A 449 -24.47 -34.61 -35.41
N ALA A 450 -23.39 -33.83 -35.26
CA ALA A 450 -22.97 -32.91 -36.30
C ALA A 450 -21.46 -32.78 -36.26
N PRO A 451 -20.80 -32.76 -37.42
CA PRO A 451 -19.33 -32.74 -37.44
C PRO A 451 -18.78 -31.35 -37.23
N ASP A 452 -17.48 -31.29 -36.89
CA ASP A 452 -16.86 -30.02 -36.56
C ASP A 452 -16.23 -29.42 -37.81
N THR A 453 -15.46 -28.36 -37.63
CA THR A 453 -14.91 -27.63 -38.77
C THR A 453 -13.87 -28.42 -39.55
N HIS A 454 -13.40 -29.56 -39.03
CA HIS A 454 -12.47 -30.42 -39.75
C HIS A 454 -13.13 -31.71 -40.24
N GLY A 455 -14.45 -31.83 -40.09
CA GLY A 455 -15.16 -32.98 -40.59
C GLY A 455 -15.32 -34.13 -39.63
N ASN A 456 -14.98 -33.95 -38.36
CA ASN A 456 -14.93 -35.05 -37.41
C ASN A 456 -15.99 -34.95 -36.34
N MET A 457 -16.27 -36.09 -35.71
CA MET A 457 -17.08 -36.18 -34.52
C MET A 457 -16.17 -36.27 -33.29
N TRP A 458 -16.79 -36.33 -32.11
CA TRP A 458 -16.07 -36.41 -30.84
C TRP A 458 -16.46 -37.72 -30.17
N VAL A 459 -15.50 -38.64 -30.06
CA VAL A 459 -15.76 -39.95 -29.46
C VAL A 459 -14.65 -40.20 -28.45
N PRO A 460 -14.83 -39.77 -27.17
CA PRO A 460 -13.80 -39.87 -26.12
C PRO A 460 -13.32 -41.31 -25.87
N ASN B 15 21.35 12.78 2.45
CA ASN B 15 20.67 11.75 3.24
C ASN B 15 19.39 11.28 2.54
N PRO B 16 18.84 10.15 2.98
CA PRO B 16 17.54 9.72 2.46
C PRO B 16 16.35 10.20 3.30
N PHE B 17 16.58 10.46 4.58
CA PHE B 17 15.43 10.59 5.47
C PHE B 17 14.81 11.97 5.43
N GLN B 18 15.58 13.00 5.05
CA GLN B 18 15.06 14.38 4.97
C GLN B 18 14.44 14.82 6.27
N PHE B 19 15.04 14.41 7.38
CA PHE B 19 14.65 14.84 8.71
C PHE B 19 15.67 15.87 9.19
N TYR B 20 15.21 17.08 9.52
CA TYR B 20 16.10 18.17 9.90
C TYR B 20 15.72 18.72 11.27
N LEU B 21 16.69 19.37 11.91
CA LEU B 21 16.42 20.20 13.07
C LEU B 21 16.40 21.66 12.66
N THR B 22 15.70 22.48 13.44
CA THR B 22 15.74 23.91 13.17
C THR B 22 17.06 24.50 13.67
N ARG B 23 17.42 25.64 13.10
CA ARG B 23 18.62 26.35 13.50
C ARG B 23 18.46 26.88 14.93
N VAL B 24 19.54 26.81 15.70
CA VAL B 24 19.54 27.25 17.09
C VAL B 24 20.56 28.39 17.21
N SER B 25 20.11 29.55 17.68
N SER B 25 20.10 29.55 17.68
CA SER B 25 20.99 30.68 17.88
CA SER B 25 20.99 30.68 17.88
C SER B 25 21.79 30.49 19.16
C SER B 25 21.79 30.48 19.16
N GLY B 26 23.10 30.68 19.09
CA GLY B 26 23.93 30.59 20.27
C GLY B 26 24.56 29.24 20.52
N VAL B 27 24.54 28.32 19.55
CA VAL B 27 25.43 27.18 19.58
C VAL B 27 26.48 27.40 18.49
N LYS B 28 27.55 26.60 18.56
CA LYS B 28 28.60 26.66 17.57
C LYS B 28 28.04 26.39 16.17
N PRO B 29 28.65 26.97 15.13
CA PRO B 29 28.13 26.77 13.76
C PRO B 29 28.11 25.31 13.30
N LYS B 30 29.00 24.47 13.80
CA LYS B 30 28.97 23.06 13.42
C LYS B 30 27.68 22.37 13.84
N TYR B 31 26.98 22.88 14.86
CA TYR B 31 25.70 22.31 15.25
C TYR B 31 24.51 22.91 14.50
N ASN B 32 24.76 23.86 13.59
CA ASN B 32 23.74 24.32 12.68
C ASN B 32 24.05 23.94 11.24
N SER B 33 25.08 23.11 11.03
CA SER B 33 25.49 22.77 9.67
C SER B 33 24.34 22.17 8.86
N GLY B 34 23.76 21.08 9.33
CA GLY B 34 22.65 20.51 8.60
C GLY B 34 21.26 20.96 9.05
N ALA B 35 21.13 22.14 9.64
CA ALA B 35 19.85 22.59 10.20
C ALA B 35 19.17 23.59 9.26
N LEU B 36 17.89 23.84 9.49
CA LEU B 36 17.08 24.68 8.60
C LEU B 36 16.38 25.77 9.39
N HIS B 37 16.45 27.00 8.88
CA HIS B 37 15.59 28.07 9.34
C HIS B 37 14.39 28.19 8.41
N ILE B 38 13.29 28.73 8.92
CA ILE B 38 12.10 28.89 8.09
C ILE B 38 12.42 29.69 6.82
N LYS B 39 13.38 30.62 6.90
CA LYS B 39 13.78 31.35 5.71
C LYS B 39 14.42 30.44 4.67
N ASP B 40 15.14 29.41 5.11
CA ASP B 40 15.70 28.44 4.17
C ASP B 40 14.59 27.64 3.49
N ILE B 41 13.55 27.27 4.25
CA ILE B 41 12.48 26.46 3.68
C ILE B 41 11.76 27.23 2.58
N LEU B 42 11.57 28.54 2.78
CA LEU B 42 10.78 29.34 1.84
C LEU B 42 11.63 29.99 0.75
N SER B 43 12.93 29.70 0.70
CA SER B 43 13.84 30.36 -0.23
C SER B 43 13.56 29.97 -1.68
N PRO B 44 13.92 30.83 -2.64
N PRO B 44 13.91 30.84 -2.65
CA PRO B 44 13.72 30.49 -4.06
CA PRO B 44 13.72 30.49 -4.06
C PRO B 44 14.55 29.31 -4.53
C PRO B 44 14.54 29.31 -4.52
N LEU B 45 15.61 28.97 -3.80
CA LEU B 45 16.38 27.77 -4.12
C LEU B 45 15.50 26.51 -4.05
N PHE B 46 14.42 26.55 -3.26
CA PHE B 46 13.51 25.43 -3.10
C PHE B 46 12.38 25.40 -4.13
N GLY B 47 12.20 26.47 -4.91
CA GLY B 47 11.19 26.53 -5.95
C GLY B 47 10.58 27.91 -6.06
N THR B 48 9.86 28.15 -7.15
CA THR B 48 9.22 29.44 -7.43
C THR B 48 7.81 29.45 -6.87
N LEU B 49 7.62 30.13 -5.74
CA LEU B 49 6.40 29.96 -4.96
C LEU B 49 5.19 30.58 -5.66
N VAL B 50 4.16 29.77 -5.89
CA VAL B 50 2.92 30.22 -6.49
C VAL B 50 1.86 30.49 -5.43
N SER B 51 1.75 29.60 -4.45
N SER B 51 1.77 29.62 -4.43
CA SER B 51 0.82 29.79 -3.34
CA SER B 51 0.81 29.75 -3.35
C SER B 51 1.28 28.90 -2.20
C SER B 51 1.29 28.89 -2.19
N SER B 52 0.70 29.10 -1.02
CA SER B 52 1.13 28.32 0.14
C SER B 52 0.01 28.21 1.17
N ALA B 53 0.06 27.13 1.95
CA ALA B 53 -0.82 26.98 3.09
C ALA B 53 0.01 26.71 4.33
N GLN B 54 -0.38 27.33 5.45
CA GLN B 54 0.32 27.21 6.73
C GLN B 54 -0.69 26.72 7.77
N PHE B 55 -0.61 25.44 8.10
CA PHE B 55 -1.35 24.88 9.22
C PHE B 55 -0.50 25.11 10.46
N ASN B 56 -1.12 25.60 11.53
CA ASN B 56 -0.36 25.74 12.77
C ASN B 56 -1.33 26.01 13.90
N TYR B 57 -0.77 26.23 15.08
CA TYR B 57 -1.54 26.52 16.26
C TYR B 57 -1.44 28.00 16.64
N CYS B 58 -0.21 28.51 16.71
N CYS B 58 -0.23 28.54 16.70
CA CYS B 58 0.05 29.92 17.02
CA CYS B 58 -0.01 29.94 17.05
C CYS B 58 0.65 30.60 15.80
C CYS B 58 0.74 30.65 15.93
N PHE B 59 0.28 31.86 15.60
CA PHE B 59 0.75 32.63 14.45
C PHE B 59 1.17 34.03 14.89
N ASP B 60 2.28 34.51 14.33
CA ASP B 60 2.66 35.93 14.29
C ASP B 60 2.72 36.31 12.82
N VAL B 61 1.64 36.93 12.32
CA VAL B 61 1.52 37.11 10.87
C VAL B 61 2.56 38.10 10.35
N ASP B 62 2.83 39.16 11.11
N ASP B 62 2.84 39.15 11.12
CA ASP B 62 3.86 40.12 10.71
CA ASP B 62 3.86 40.11 10.70
C ASP B 62 5.21 39.43 10.57
C ASP B 62 5.21 39.42 10.56
N TRP B 63 5.61 38.64 11.57
CA TRP B 63 6.84 37.88 11.48
C TRP B 63 6.81 36.87 10.34
N LEU B 64 5.66 36.20 10.18
CA LEU B 64 5.56 35.14 9.17
C LEU B 64 5.78 35.67 7.76
N VAL B 65 5.13 36.79 7.42
CA VAL B 65 5.30 37.36 6.09
C VAL B 65 6.76 37.70 5.82
N LYS B 66 7.47 38.23 6.83
CA LYS B 66 8.87 38.59 6.64
C LYS B 66 9.77 37.38 6.40
N GLN B 67 9.32 36.17 6.76
CA GLN B 67 10.12 34.98 6.50
C GLN B 67 10.06 34.59 5.02
N TYR B 68 8.98 34.92 4.32
CA TYR B 68 8.94 34.73 2.88
C TYR B 68 9.91 35.70 2.20
N PRO B 69 10.52 35.28 1.09
CA PRO B 69 11.40 36.18 0.36
C PRO B 69 10.61 37.35 -0.20
N PRO B 70 11.27 38.48 -0.44
CA PRO B 70 10.54 39.67 -0.95
C PRO B 70 9.67 39.38 -2.16
N GLU B 71 10.19 38.66 -3.14
CA GLU B 71 9.47 38.43 -4.39
C GLU B 71 8.20 37.61 -4.19
N PHE B 72 8.19 36.71 -3.21
CA PHE B 72 7.05 35.84 -2.97
C PHE B 72 6.10 36.41 -1.94
N ARG B 73 6.36 37.62 -1.43
CA ARG B 73 5.67 38.06 -0.24
C ARG B 73 4.22 38.43 -0.47
N LYS B 74 3.77 38.58 -1.72
CA LYS B 74 2.36 38.85 -1.99
C LYS B 74 1.63 37.67 -2.62
N LYS B 75 2.28 36.53 -2.80
CA LYS B 75 1.55 35.33 -3.23
C LYS B 75 0.49 34.95 -2.19
N PRO B 76 -0.58 34.27 -2.61
CA PRO B 76 -1.64 33.93 -1.65
C PRO B 76 -1.15 32.99 -0.56
N ILE B 77 -1.67 33.19 0.64
CA ILE B 77 -1.29 32.42 1.81
C ILE B 77 -2.56 32.11 2.59
N LEU B 78 -2.71 30.85 2.95
CA LEU B 78 -3.88 30.37 3.68
C LEU B 78 -3.42 29.90 5.05
N LEU B 79 -3.98 30.51 6.09
CA LEU B 79 -3.69 30.14 7.46
C LEU B 79 -4.79 29.21 7.95
N VAL B 80 -4.42 28.00 8.36
CA VAL B 80 -5.35 27.05 8.93
C VAL B 80 -5.09 26.98 10.42
N HIS B 81 -6.09 27.38 11.21
CA HIS B 81 -5.96 27.55 12.65
C HIS B 81 -7.19 26.96 13.32
N GLY B 82 -7.18 26.91 14.66
CA GLY B 82 -8.33 26.41 15.40
C GLY B 82 -8.96 27.43 16.35
N ASP B 83 -8.66 28.71 16.17
CA ASP B 83 -9.02 29.73 17.15
C ASP B 83 -10.51 30.09 17.11
N LYS B 84 -11.05 30.44 18.28
CA LYS B 84 -12.47 30.79 18.44
C LYS B 84 -12.61 32.12 19.17
N ARG B 85 -13.76 32.78 18.95
CA ARG B 85 -14.22 33.94 19.72
C ARG B 85 -13.19 35.07 19.62
N GLU B 86 -12.63 35.57 20.74
CA GLU B 86 -11.72 36.71 20.66
C GLU B 86 -10.41 36.34 19.96
N ALA B 87 -9.87 35.16 20.28
CA ALA B 87 -8.66 34.69 19.60
C ALA B 87 -8.85 34.71 18.09
N LYS B 88 -9.98 34.20 17.61
CA LYS B 88 -10.30 34.26 16.19
C LYS B 88 -10.26 35.70 15.69
N ALA B 89 -10.88 36.63 16.42
CA ALA B 89 -10.85 38.04 16.03
C ALA B 89 -9.42 38.56 15.98
N HIS B 90 -8.65 38.31 17.05
CA HIS B 90 -7.26 38.76 17.10
C HIS B 90 -6.50 38.32 15.85
N LEU B 91 -6.66 37.05 15.45
CA LEU B 91 -5.90 36.56 14.30
C LEU B 91 -6.32 37.24 13.01
N HIS B 92 -7.63 37.44 12.80
CA HIS B 92 -8.09 38.17 11.62
C HIS B 92 -7.51 39.59 11.59
N ALA B 93 -7.48 40.24 12.76
CA ALA B 93 -6.86 41.56 12.86
C ALA B 93 -5.41 41.55 12.38
N GLN B 94 -4.64 40.56 12.83
CA GLN B 94 -3.26 40.41 12.34
C GLN B 94 -3.21 40.31 10.82
N ALA B 95 -4.20 39.64 10.23
CA ALA B 95 -4.12 39.32 8.80
C ALA B 95 -4.59 40.47 7.92
N LYS B 96 -5.48 41.33 8.41
CA LYS B 96 -6.09 42.38 7.59
C LYS B 96 -5.09 43.21 6.77
N PRO B 97 -3.96 43.68 7.31
CA PRO B 97 -3.05 44.49 6.49
C PRO B 97 -2.54 43.81 5.24
N TYR B 98 -2.62 42.47 5.14
CA TYR B 98 -2.09 41.73 3.99
C TYR B 98 -3.25 41.16 3.18
N GLU B 99 -3.40 41.63 1.94
CA GLU B 99 -4.53 41.30 1.08
C GLU B 99 -4.44 39.91 0.46
N ASN B 100 -3.33 39.20 0.64
CA ASN B 100 -3.16 37.86 0.07
C ASN B 100 -3.40 36.75 1.09
N ILE B 101 -3.81 37.07 2.31
CA ILE B 101 -3.82 36.11 3.39
C ILE B 101 -5.26 35.73 3.68
N SER B 102 -5.60 34.46 3.42
CA SER B 102 -6.89 33.90 3.74
C SER B 102 -6.76 33.07 5.00
N LEU B 103 -7.89 32.93 5.72
CA LEU B 103 -7.93 32.14 6.94
C LEU B 103 -8.96 31.03 6.81
N CYS B 104 -8.72 29.92 7.49
CA CYS B 104 -9.62 28.77 7.49
C CYS B 104 -9.68 28.25 8.92
N GLN B 105 -10.85 28.34 9.53
CA GLN B 105 -11.01 27.94 10.93
C GLN B 105 -11.38 26.47 10.99
N ALA B 106 -10.43 25.64 11.43
CA ALA B 106 -10.68 24.21 11.58
C ALA B 106 -11.72 23.99 12.67
N LYS B 107 -12.76 23.20 12.36
CA LYS B 107 -13.82 22.99 13.32
C LYS B 107 -13.34 22.14 14.48
N LEU B 108 -13.76 22.50 15.68
CA LEU B 108 -13.38 21.81 16.91
C LEU B 108 -14.67 21.56 17.69
N ASP B 109 -15.38 20.50 17.33
CA ASP B 109 -16.72 20.24 17.84
C ASP B 109 -16.71 19.27 19.02
N ILE B 110 -15.55 19.07 19.64
CA ILE B 110 -15.46 18.31 20.87
C ILE B 110 -14.74 19.20 21.89
N ALA B 111 -15.18 19.14 23.15
CA ALA B 111 -14.64 20.03 24.16
C ALA B 111 -13.15 19.77 24.38
N PHE B 112 -12.41 20.86 24.62
CA PHE B 112 -11.00 20.83 25.00
C PHE B 112 -10.10 20.35 23.87
N GLY B 113 -10.52 20.57 22.63
CA GLY B 113 -9.74 20.22 21.46
C GLY B 113 -9.02 21.41 20.87
N THR B 114 -7.91 21.13 20.18
CA THR B 114 -7.06 22.16 19.61
C THR B 114 -6.61 21.74 18.23
N HIS B 115 -6.16 22.70 17.44
CA HIS B 115 -5.57 22.44 16.15
C HIS B 115 -4.06 22.55 16.34
N HIS B 116 -3.39 21.41 16.52
CA HIS B 116 -1.96 21.40 16.79
C HIS B 116 -1.12 21.14 15.56
N THR B 117 -1.72 20.67 14.48
CA THR B 117 -1.00 20.28 13.29
C THR B 117 -0.13 21.42 12.77
N LYS B 118 1.13 21.11 12.47
CA LYS B 118 2.08 22.06 11.92
C LYS B 118 2.55 21.56 10.57
N MET B 119 2.13 22.24 9.52
CA MET B 119 2.34 21.72 8.19
C MET B 119 2.38 22.87 7.20
N MET B 120 3.25 22.77 6.22
CA MET B 120 3.27 23.72 5.10
C MET B 120 2.95 22.98 3.83
N LEU B 121 1.97 23.49 3.07
CA LEU B 121 1.83 23.11 1.66
C LEU B 121 2.39 24.22 0.79
N LEU B 122 3.31 23.88 -0.10
CA LEU B 122 4.06 24.87 -0.88
C LEU B 122 3.90 24.52 -2.34
N LEU B 123 3.06 25.28 -3.05
CA LEU B 123 2.85 25.08 -4.48
C LEU B 123 3.84 25.92 -5.26
N TYR B 124 4.60 25.30 -6.14
CA TYR B 124 5.55 26.00 -7.00
C TYR B 124 5.13 25.91 -8.47
N GLU B 125 5.79 26.74 -9.28
CA GLU B 125 5.72 26.56 -10.73
C GLU B 125 6.25 25.19 -11.12
N GLU B 126 7.26 24.70 -10.41
CA GLU B 126 7.91 23.45 -10.74
C GLU B 126 7.24 22.23 -10.11
N GLY B 127 6.33 22.41 -9.16
CA GLY B 127 5.82 21.23 -8.47
C GLY B 127 5.22 21.61 -7.13
N LEU B 128 5.20 20.63 -6.22
CA LEU B 128 4.56 20.77 -4.93
C LEU B 128 5.48 20.21 -3.84
N ARG B 129 5.48 20.86 -2.69
CA ARG B 129 6.25 20.39 -1.54
C ARG B 129 5.38 20.41 -0.31
N VAL B 130 5.56 19.40 0.53
CA VAL B 130 4.88 19.26 1.81
C VAL B 130 5.94 19.34 2.90
N VAL B 131 5.69 20.15 3.92
CA VAL B 131 6.58 20.22 5.07
C VAL B 131 5.78 19.89 6.31
N ILE B 132 6.23 18.90 7.07
CA ILE B 132 5.55 18.57 8.32
C ILE B 132 6.55 18.78 9.44
N HIS B 133 6.19 19.61 10.40
CA HIS B 133 7.20 20.08 11.35
C HIS B 133 6.55 20.25 12.71
N THR B 134 7.29 20.84 13.65
CA THR B 134 6.83 20.91 15.03
C THR B 134 6.79 22.33 15.61
N SER B 135 7.13 23.36 14.82
CA SER B 135 7.28 24.74 15.32
C SER B 135 6.03 25.60 15.11
N ASN B 136 5.70 26.40 16.12
CA ASN B 136 4.74 27.47 15.90
C ASN B 136 5.34 28.53 14.99
N LEU B 137 4.47 29.32 14.36
CA LEU B 137 4.96 30.37 13.46
C LEU B 137 5.09 31.67 14.26
N ILE B 138 6.00 31.63 15.24
CA ILE B 138 6.45 32.78 16.02
C ILE B 138 7.97 32.73 16.10
N HIS B 139 8.57 33.89 16.32
CA HIS B 139 10.04 33.98 16.28
C HIS B 139 10.67 33.04 17.31
N ALA B 140 10.05 32.93 18.49
CA ALA B 140 10.66 32.20 19.60
C ALA B 140 10.76 30.70 19.34
N ASP B 141 9.86 30.16 18.54
CA ASP B 141 9.88 28.72 18.31
C ASP B 141 10.99 28.31 17.36
N TRP B 142 11.54 29.26 16.63
CA TRP B 142 12.65 29.03 15.72
C TRP B 142 13.97 29.61 16.21
N HIS B 143 14.02 30.06 17.46
CA HIS B 143 15.22 30.78 17.92
C HIS B 143 16.18 29.84 18.65
N GLN B 144 15.78 29.32 19.81
CA GLN B 144 16.66 28.53 20.65
C GLN B 144 16.01 27.25 21.15
N LYS B 145 15.10 26.68 20.36
CA LYS B 145 14.45 25.43 20.74
C LYS B 145 14.92 24.29 19.84
N THR B 146 14.77 23.06 20.33
CA THR B 146 14.97 21.88 19.48
C THR B 146 13.63 21.60 18.81
N GLN B 147 13.58 21.75 17.48
CA GLN B 147 12.41 21.52 16.66
C GLN B 147 12.79 20.58 15.52
N GLY B 148 11.78 19.89 14.99
CA GLY B 148 11.99 18.90 13.94
C GLY B 148 11.21 19.24 12.69
N ILE B 149 11.77 18.85 11.53
CA ILE B 149 11.21 19.14 10.22
C ILE B 149 11.36 17.91 9.32
N TRP B 150 10.30 17.55 8.62
CA TRP B 150 10.41 16.62 7.51
C TRP B 150 10.11 17.37 6.22
N LEU B 151 11.01 17.24 5.25
CA LEU B 151 10.85 17.87 3.94
C LEU B 151 10.52 16.80 2.92
N SER B 152 9.36 16.95 2.26
CA SER B 152 9.03 16.07 1.14
C SER B 152 9.97 16.36 -0.03
N PRO B 153 10.10 15.42 -0.97
CA PRO B 153 10.71 15.75 -2.26
C PRO B 153 9.89 16.80 -2.99
N LEU B 154 10.46 17.34 -4.07
CA LEU B 154 9.70 18.16 -5.00
C LEU B 154 8.80 17.25 -5.81
N TYR B 155 7.51 17.38 -5.65
CA TYR B 155 6.57 16.48 -6.32
C TYR B 155 6.19 17.11 -7.65
N PRO B 156 6.47 16.46 -8.78
CA PRO B 156 6.14 17.06 -10.08
C PRO B 156 4.65 16.95 -10.42
N ARG B 157 4.24 17.80 -11.37
CA ARG B 157 2.89 17.74 -11.91
C ARG B 157 2.70 16.44 -12.67
N ILE B 158 1.50 15.87 -12.58
CA ILE B 158 1.14 14.80 -13.50
C ILE B 158 0.81 15.42 -14.84
N ALA B 159 1.40 14.90 -15.91
CA ALA B 159 1.22 15.48 -17.24
C ALA B 159 -0.25 15.55 -17.61
N ASP B 160 -0.68 16.73 -18.07
CA ASP B 160 -2.08 16.92 -18.47
C ASP B 160 -2.42 15.99 -19.64
N GLY B 161 -3.42 15.14 -19.42
CA GLY B 161 -3.74 14.09 -20.37
C GLY B 161 -3.46 12.71 -19.79
N THR B 162 -2.38 12.61 -19.01
CA THR B 162 -1.99 11.33 -18.42
C THR B 162 -2.92 10.93 -17.27
N HIS B 163 -3.14 9.63 -17.14
CA HIS B 163 -3.92 9.06 -16.04
C HIS B 163 -3.00 8.15 -15.25
N LYS B 164 -2.43 8.67 -14.17
CA LYS B 164 -1.67 7.85 -13.24
C LYS B 164 -2.10 8.22 -11.82
N SER B 165 -1.85 7.32 -10.87
CA SER B 165 -2.35 7.58 -9.53
C SER B 165 -1.50 8.63 -8.80
N GLY B 166 -0.21 8.67 -9.10
CA GLY B 166 0.69 9.52 -8.33
C GLY B 166 0.92 9.05 -6.92
N GLU B 167 0.65 7.78 -6.63
CA GLU B 167 0.65 7.28 -5.26
C GLU B 167 1.98 6.61 -4.90
N SER B 168 2.34 6.66 -3.60
N SER B 168 2.34 6.65 -3.60
CA SER B 168 3.55 6.04 -3.08
CA SER B 168 3.55 6.03 -3.10
C SER B 168 3.25 4.69 -2.43
C SER B 168 3.25 4.71 -2.42
N PRO B 169 4.25 3.83 -2.26
CA PRO B 169 4.00 2.56 -1.54
C PRO B 169 3.56 2.76 -0.11
N THR B 170 3.77 3.94 0.47
CA THR B 170 3.27 4.21 1.81
C THR B 170 1.87 4.81 1.82
N HIS B 171 1.25 4.99 0.64
CA HIS B 171 -0.11 5.52 0.52
C HIS B 171 -0.21 6.97 1.01
N PHE B 172 0.92 7.68 0.95
CA PHE B 172 0.98 9.03 1.50
C PHE B 172 0.00 9.98 0.82
N LYS B 173 -0.12 9.90 -0.51
CA LYS B 173 -0.99 10.82 -1.24
C LYS B 173 -2.45 10.68 -0.79
N ALA B 174 -2.99 9.46 -0.82
CA ALA B 174 -4.35 9.24 -0.33
C ALA B 174 -4.49 9.60 1.16
N ASP B 175 -3.50 9.27 1.99
CA ASP B 175 -3.61 9.53 3.42
C ASP B 175 -3.60 11.04 3.72
N LEU B 176 -2.86 11.81 2.94
CA LEU B 176 -2.85 13.26 3.11
C LEU B 176 -4.19 13.86 2.69
N ILE B 177 -4.70 13.43 1.53
CA ILE B 177 -6.01 13.90 1.08
C ILE B 177 -7.06 13.56 2.13
N SER B 178 -7.02 12.34 2.67
N SER B 178 -7.00 12.34 2.67
CA SER B 178 -8.00 11.95 3.68
CA SER B 178 -7.99 11.94 3.68
C SER B 178 -7.88 12.83 4.92
C SER B 178 -7.89 12.81 4.92
N TYR B 179 -6.66 13.19 5.31
CA TYR B 179 -6.49 14.09 6.44
C TYR B 179 -7.14 15.44 6.17
N LEU B 180 -6.88 16.01 4.97
CA LEU B 180 -7.45 17.30 4.64
C LEU B 180 -8.96 17.23 4.47
N MET B 181 -9.48 16.10 3.97
N MET B 181 -9.47 16.10 3.96
CA MET B 181 -10.92 15.96 3.80
CA MET B 181 -10.92 15.95 3.80
C MET B 181 -11.64 16.04 5.14
C MET B 181 -11.65 16.02 5.13
N ALA B 182 -10.99 15.61 6.21
CA ALA B 182 -11.61 15.64 7.52
C ALA B 182 -11.92 17.05 8.00
N TYR B 183 -11.29 18.07 7.41
CA TYR B 183 -11.62 19.44 7.79
C TYR B 183 -12.99 19.84 7.27
N ASN B 184 -13.38 19.29 6.11
CA ASN B 184 -14.63 19.70 5.45
C ASN B 184 -14.64 21.21 5.18
N ALA B 185 -13.51 21.73 4.72
CA ALA B 185 -13.38 23.17 4.54
C ALA B 185 -13.24 23.49 3.06
N PRO B 186 -13.93 24.53 2.58
CA PRO B 186 -13.81 24.86 1.14
C PRO B 186 -12.41 25.25 0.71
N SER B 187 -11.66 25.99 1.54
CA SER B 187 -10.35 26.41 1.09
C SER B 187 -9.38 25.24 1.01
N LEU B 188 -9.65 24.15 1.74
CA LEU B 188 -8.79 22.98 1.68
C LEU B 188 -9.17 22.04 0.54
N LYS B 189 -10.43 22.08 0.08
CA LYS B 189 -10.76 21.30 -1.12
C LYS B 189 -9.95 21.80 -2.31
N GLU B 190 -9.64 23.10 -2.34
CA GLU B 190 -8.78 23.62 -3.39
C GLU B 190 -7.37 23.00 -3.29
N TRP B 191 -6.87 22.80 -2.07
CA TRP B 191 -5.55 22.19 -1.93
C TRP B 191 -5.59 20.68 -2.18
N ILE B 192 -6.72 20.03 -1.85
CA ILE B 192 -6.92 18.62 -2.21
C ILE B 192 -6.82 18.44 -3.73
N ASP B 193 -7.44 19.34 -4.50
CA ASP B 193 -7.37 19.24 -5.96
C ASP B 193 -5.97 19.48 -6.48
N VAL B 194 -5.19 20.34 -5.82
CA VAL B 194 -3.79 20.51 -6.18
C VAL B 194 -3.02 19.22 -5.92
N ILE B 195 -3.26 18.58 -4.80
CA ILE B 195 -2.52 17.36 -4.50
C ILE B 195 -2.85 16.28 -5.53
N HIS B 196 -4.14 16.13 -5.84
CA HIS B 196 -4.55 15.20 -6.90
C HIS B 196 -3.73 15.36 -8.17
N LYS B 197 -3.39 16.60 -8.54
CA LYS B 197 -2.69 16.81 -9.80
C LYS B 197 -1.18 16.57 -9.71
N HIS B 198 -0.66 16.17 -8.54
CA HIS B 198 0.77 15.95 -8.41
C HIS B 198 1.11 14.48 -8.14
N ASP B 199 2.35 14.12 -8.53
CA ASP B 199 2.90 12.77 -8.40
C ASP B 199 3.70 12.68 -7.09
N LEU B 200 3.12 12.03 -6.07
CA LEU B 200 3.73 11.90 -4.77
C LEU B 200 4.40 10.53 -4.58
N SER B 201 4.70 9.85 -5.67
CA SER B 201 5.10 8.45 -5.57
C SER B 201 6.48 8.25 -4.94
N GLU B 202 7.34 9.27 -4.89
CA GLU B 202 8.62 9.00 -4.23
C GLU B 202 8.56 9.09 -2.71
N THR B 203 7.39 9.31 -2.12
CA THR B 203 7.31 9.49 -0.68
C THR B 203 7.56 8.16 0.04
N ASN B 204 8.45 8.17 1.03
N ASN B 204 8.44 8.16 1.03
CA ASN B 204 8.86 6.97 1.73
CA ASN B 204 8.76 6.90 1.72
C ASN B 204 8.47 6.98 3.21
C ASN B 204 8.47 6.98 3.22
N VAL B 205 7.68 7.96 3.65
CA VAL B 205 7.18 8.00 5.02
C VAL B 205 5.69 7.71 5.00
N TYR B 206 5.18 7.29 6.16
CA TYR B 206 3.76 7.10 6.41
C TYR B 206 3.22 8.29 7.20
N LEU B 207 2.04 8.76 6.80
CA LEU B 207 1.40 9.87 7.49
C LEU B 207 0.62 9.34 8.69
N ILE B 208 0.80 9.96 9.84
CA ILE B 208 0.04 9.59 11.03
C ILE B 208 -0.66 10.84 11.52
N GLY B 209 -1.98 10.88 11.32
CA GLY B 209 -2.79 12.01 11.73
C GLY B 209 -3.72 11.74 12.88
N SER B 210 -4.13 12.81 13.55
CA SER B 210 -5.26 12.83 14.46
C SER B 210 -6.23 13.90 13.97
N THR B 211 -7.52 13.59 14.03
N THR B 211 -7.52 13.59 14.01
CA THR B 211 -8.59 14.54 13.73
CA THR B 211 -8.59 14.54 13.73
C THR B 211 -9.68 14.33 14.77
C THR B 211 -9.66 14.34 14.78
N PRO B 212 -10.40 15.39 15.13
CA PRO B 212 -11.40 15.25 16.20
C PRO B 212 -12.57 14.37 15.78
N GLY B 213 -13.07 13.59 16.71
CA GLY B 213 -14.30 12.85 16.47
C GLY B 213 -14.34 11.58 17.30
N ARG B 214 -15.38 10.79 17.02
N ARG B 214 -15.37 10.78 17.01
CA ARG B 214 -15.60 9.50 17.66
CA ARG B 214 -15.60 9.50 17.66
C ARG B 214 -15.71 8.46 16.56
C ARG B 214 -15.72 8.45 16.56
N PHE B 215 -14.75 7.55 16.50
CA PHE B 215 -14.59 6.63 15.38
C PHE B 215 -14.86 5.19 15.82
N GLN B 216 -15.73 4.50 15.06
CA GLN B 216 -16.13 3.12 15.34
C GLN B 216 -15.80 2.22 14.15
N GLY B 217 -15.68 0.92 14.44
CA GLY B 217 -15.53 -0.08 13.40
C GLY B 217 -14.29 0.16 12.55
N SER B 218 -14.52 0.29 11.24
CA SER B 218 -13.41 0.45 10.30
C SER B 218 -12.64 1.75 10.57
N GLN B 219 -13.37 2.88 10.61
CA GLN B 219 -12.75 4.20 10.76
C GLN B 219 -11.85 4.29 11.98
N LYS B 220 -11.98 3.38 12.95
CA LYS B 220 -11.17 3.44 14.16
C LYS B 220 -9.67 3.37 13.86
N ASP B 221 -9.29 2.75 12.74
CA ASP B 221 -7.89 2.56 12.37
C ASP B 221 -7.28 3.78 11.70
N ASN B 222 -8.05 4.83 11.45
CA ASN B 222 -7.57 5.89 10.59
C ASN B 222 -6.68 6.88 11.31
N TRP B 223 -6.81 6.97 12.63
CA TRP B 223 -6.26 8.12 13.35
C TRP B 223 -5.61 7.69 14.66
N GLY B 224 -4.78 8.59 15.19
CA GLY B 224 -4.32 8.45 16.55
C GLY B 224 -3.52 7.19 16.75
N HIS B 225 -3.61 6.64 17.96
CA HIS B 225 -2.69 5.55 18.24
C HIS B 225 -3.13 4.25 17.59
N PHE B 226 -4.40 4.17 17.17
CA PHE B 226 -4.84 3.02 16.38
C PHE B 226 -4.29 3.08 14.96
N ARG B 227 -4.11 4.28 14.41
CA ARG B 227 -3.42 4.40 13.13
C ARG B 227 -1.98 3.88 13.26
N LEU B 228 -1.27 4.31 14.31
CA LEU B 228 0.09 3.82 14.51
C LEU B 228 0.10 2.29 14.65
N LYS B 229 -0.79 1.75 15.48
CA LYS B 229 -0.85 0.30 15.66
C LYS B 229 -1.06 -0.42 14.34
N LYS B 230 -1.95 0.10 13.50
CA LYS B 230 -2.26 -0.53 12.23
C LYS B 230 -1.03 -0.59 11.35
N LEU B 231 -0.30 0.52 11.25
CA LEU B 231 0.89 0.58 10.42
C LEU B 231 2.00 -0.35 10.93
N LEU B 232 2.15 -0.42 12.26
CA LEU B 232 3.18 -1.28 12.84
C LEU B 232 2.85 -2.76 12.61
N LYS B 233 1.57 -3.10 12.65
CA LYS B 233 1.15 -4.46 12.40
C LYS B 233 1.35 -4.84 10.94
N ASP B 234 1.02 -3.92 10.02
CA ASP B 234 1.07 -4.24 8.59
C ASP B 234 2.46 -4.07 7.98
N HIS B 235 3.34 -3.23 8.54
CA HIS B 235 4.54 -2.85 7.79
C HIS B 235 5.82 -2.94 8.60
N ALA B 236 5.76 -3.46 9.83
CA ALA B 236 6.95 -3.75 10.59
C ALA B 236 6.98 -5.24 10.90
N SER B 237 8.17 -5.78 11.09
CA SER B 237 8.33 -7.18 11.41
C SER B 237 8.75 -7.33 12.86
N SER B 238 8.22 -8.33 13.53
CA SER B 238 8.67 -8.63 14.88
C SER B 238 9.97 -9.41 14.83
N MET B 239 10.91 -9.04 15.70
CA MET B 239 12.21 -9.68 15.81
C MET B 239 12.23 -10.62 17.01
N PRO B 240 13.22 -11.52 17.09
CA PRO B 240 13.38 -12.29 18.32
C PRO B 240 13.73 -11.36 19.46
N ASN B 241 13.23 -11.65 20.65
CA ASN B 241 13.55 -10.87 21.86
C ASN B 241 12.91 -9.48 21.82
N ALA B 242 11.76 -9.36 21.15
CA ALA B 242 11.15 -8.04 20.94
C ALA B 242 10.77 -7.35 22.25
N GLU B 243 10.40 -8.12 23.28
CA GLU B 243 9.99 -7.49 24.53
C GLU B 243 11.14 -6.84 25.29
N SER B 244 12.38 -6.99 24.82
CA SER B 244 13.50 -6.26 25.37
C SER B 244 13.75 -4.93 24.65
N TRP B 245 13.04 -4.67 23.54
CA TRP B 245 13.19 -3.45 22.75
C TRP B 245 12.34 -2.38 23.40
N PRO B 246 12.93 -1.37 24.03
CA PRO B 246 12.14 -0.38 24.75
C PRO B 246 11.32 0.48 23.79
N VAL B 247 10.35 1.18 24.37
CA VAL B 247 9.62 2.26 23.71
C VAL B 247 10.09 3.56 24.35
N VAL B 248 10.38 4.55 23.51
CA VAL B 248 10.82 5.86 23.97
C VAL B 248 9.80 6.88 23.49
N GLY B 249 9.35 7.74 24.40
CA GLY B 249 8.45 8.82 24.06
C GLY B 249 9.07 10.11 24.56
N GLN B 250 9.07 11.14 23.72
CA GLN B 250 9.76 12.39 24.02
C GLN B 250 8.83 13.53 23.63
N PHE B 251 8.48 14.41 24.58
CA PHE B 251 7.38 15.32 24.35
C PHE B 251 7.57 16.61 25.14
N SER B 252 6.68 17.58 24.90
CA SER B 252 6.81 18.88 25.55
C SER B 252 5.66 19.22 26.48
N SER B 253 4.64 18.36 26.58
CA SER B 253 3.67 18.51 27.66
C SER B 253 2.95 17.19 27.84
N VAL B 254 2.26 17.08 28.97
CA VAL B 254 1.52 15.87 29.32
C VAL B 254 0.10 16.26 29.68
N GLY B 255 -0.87 15.48 29.21
CA GLY B 255 -2.24 15.63 29.64
C GLY B 255 -2.52 14.79 30.87
N SER B 256 -3.78 14.83 31.31
CA SER B 256 -4.22 13.99 32.41
C SER B 256 -4.39 12.56 31.90
N LEU B 257 -3.57 11.64 32.42
CA LEU B 257 -3.54 10.26 31.96
C LEU B 257 -4.32 9.29 32.85
N GLY B 258 -4.81 9.74 34.00
CA GLY B 258 -5.55 8.89 34.91
C GLY B 258 -4.81 8.68 36.22
N ALA B 259 -5.45 7.91 37.10
CA ALA B 259 -4.98 7.74 38.47
C ALA B 259 -3.85 6.72 38.60
N ASP B 260 -3.61 5.91 37.56
CA ASP B 260 -2.44 5.03 37.53
C ASP B 260 -2.22 4.62 36.08
N GLU B 261 -1.13 3.87 35.86
CA GLU B 261 -0.68 3.60 34.50
C GLU B 261 -1.64 2.70 33.72
N SER B 262 -2.39 1.85 34.42
CA SER B 262 -3.27 0.91 33.74
C SER B 262 -4.50 1.58 33.15
N LYS B 263 -4.75 2.85 33.47
CA LYS B 263 -5.96 3.51 32.99
C LYS B 263 -5.88 3.82 31.50
N TRP B 264 -4.68 4.11 30.99
CA TRP B 264 -4.55 4.47 29.58
C TRP B 264 -3.14 4.25 29.08
N LEU B 265 -2.16 4.67 29.90
CA LEU B 265 -0.78 4.73 29.45
C LEU B 265 -0.23 3.35 29.12
N CYS B 266 -0.21 2.46 30.10
CA CYS B 266 0.37 1.14 29.93
C CYS B 266 -0.67 0.11 29.50
N SER B 267 -1.93 0.49 29.42
CA SER B 267 -2.92 -0.37 28.81
C SER B 267 -2.97 -0.08 27.32
N GLU B 268 -3.72 0.94 26.90
CA GLU B 268 -3.98 1.06 25.48
C GLU B 268 -2.87 1.81 24.73
N PHE B 269 -2.30 2.85 25.33
CA PHE B 269 -1.27 3.61 24.60
C PHE B 269 -0.01 2.77 24.38
N LYS B 270 0.54 2.20 25.46
CA LYS B 270 1.73 1.39 25.32
C LYS B 270 1.49 0.16 24.44
N GLU B 271 0.28 -0.39 24.49
CA GLU B 271 -0.04 -1.55 23.67
C GLU B 271 0.08 -1.25 22.19
N SER B 272 -0.39 -0.06 21.77
CA SER B 272 -0.22 0.33 20.38
C SER B 272 1.25 0.47 20.02
N MET B 273 2.02 1.15 20.89
CA MET B 273 3.42 1.40 20.57
C MET B 273 4.27 0.14 20.58
N LEU B 274 3.82 -0.91 21.27
N LEU B 274 3.84 -0.92 21.26
CA LEU B 274 4.56 -2.17 21.32
CA LEU B 274 4.61 -2.16 21.29
C LEU B 274 4.38 -3.01 20.06
C LEU B 274 4.19 -3.15 20.22
N THR B 275 3.31 -2.74 19.31
CA THR B 275 2.92 -3.61 18.20
C THR B 275 4.05 -3.74 17.18
N LEU B 276 4.33 -4.98 16.76
CA LEU B 276 5.24 -5.25 15.65
C LEU B 276 4.73 -6.50 14.93
N GLY B 277 4.43 -6.39 13.64
CA GLY B 277 3.98 -7.56 12.90
C GLY B 277 2.57 -7.98 13.22
N LYS B 278 2.16 -9.10 12.60
CA LYS B 278 0.75 -9.49 12.55
C LYS B 278 0.32 -10.52 13.59
N GLU B 279 1.25 -11.07 14.37
CA GLU B 279 0.88 -12.14 15.30
C GLU B 279 0.16 -11.61 16.55
N SER B 280 0.09 -12.42 17.61
CA SER B 280 -0.69 -12.05 18.79
C SER B 280 0.19 -11.69 19.99
N SER B 286 2.80 -6.54 30.37
CA SER B 286 3.92 -6.46 29.44
C SER B 286 5.23 -6.11 30.15
N SER B 287 6.34 -6.61 29.61
CA SER B 287 7.66 -6.44 30.20
C SER B 287 8.47 -5.34 29.52
N VAL B 288 7.88 -4.61 28.58
CA VAL B 288 8.66 -3.71 27.74
C VAL B 288 8.94 -2.42 28.50
N PRO B 289 10.20 -2.02 28.62
CA PRO B 289 10.50 -0.77 29.35
C PRO B 289 10.01 0.44 28.54
N LEU B 290 9.39 1.38 29.25
CA LEU B 290 8.91 2.64 28.69
C LEU B 290 9.74 3.77 29.24
N TYR B 291 10.47 4.47 28.37
CA TYR B 291 11.29 5.64 28.70
C TYR B 291 10.59 6.89 28.20
N LEU B 292 10.27 7.82 29.10
CA LEU B 292 9.63 9.07 28.73
C LEU B 292 10.61 10.21 28.97
N ILE B 293 10.83 11.04 27.97
CA ILE B 293 11.83 12.10 28.04
C ILE B 293 11.09 13.43 28.15
N TYR B 294 11.38 14.17 29.19
CA TYR B 294 10.67 15.40 29.47
C TYR B 294 11.56 16.28 30.33
N PRO B 295 11.73 17.55 29.97
CA PRO B 295 12.71 18.40 30.68
C PRO B 295 12.42 18.49 32.17
N SER B 296 13.48 18.31 32.97
CA SER B 296 13.43 18.61 34.39
C SER B 296 13.45 20.12 34.62
N VAL B 297 13.18 20.52 35.86
CA VAL B 297 13.33 21.93 36.21
C VAL B 297 14.77 22.38 35.97
N GLU B 298 15.74 21.53 36.36
N GLU B 298 15.74 21.54 36.34
CA GLU B 298 17.14 21.87 36.15
CA GLU B 298 17.14 21.91 36.15
C GLU B 298 17.46 22.05 34.67
C GLU B 298 17.50 22.04 34.67
N ASN B 299 16.94 21.17 33.81
CA ASN B 299 17.12 21.33 32.36
C ASN B 299 16.65 22.69 31.89
N VAL B 300 15.47 23.11 32.35
CA VAL B 300 14.92 24.40 31.95
C VAL B 300 15.73 25.54 32.56
N ARG B 301 16.04 25.46 33.85
CA ARG B 301 16.76 26.54 34.55
C ARG B 301 18.05 26.92 33.83
N THR B 302 18.84 25.92 33.42
CA THR B 302 20.12 26.18 32.78
C THR B 302 20.05 26.16 31.25
N SER B 303 18.86 26.23 30.67
CA SER B 303 18.74 26.24 29.22
C SER B 303 19.23 27.57 28.64
N LEU B 304 19.33 27.60 27.31
CA LEU B 304 19.68 28.83 26.61
C LEU B 304 18.73 29.98 26.97
N GLU B 305 17.42 29.70 27.01
CA GLU B 305 16.44 30.72 27.34
C GLU B 305 16.30 30.93 28.85
N GLY B 306 16.69 29.97 29.66
CA GLY B 306 16.36 29.97 31.06
C GLY B 306 14.92 29.57 31.29
N TYR B 307 14.38 30.05 32.40
CA TYR B 307 13.00 29.70 32.78
C TYR B 307 11.96 30.03 31.71
N PRO B 308 12.11 31.10 30.92
CA PRO B 308 11.10 31.38 29.88
C PRO B 308 10.98 30.28 28.82
N ALA B 309 11.98 29.41 28.67
CA ALA B 309 11.78 28.21 27.87
C ALA B 309 10.58 27.42 28.34
N GLY B 310 10.33 27.45 29.64
CA GLY B 310 9.21 26.77 30.27
C GLY B 310 7.85 27.33 29.91
N GLY B 311 7.78 28.51 29.29
CA GLY B 311 6.49 28.94 28.77
C GLY B 311 5.96 28.06 27.65
N SER B 312 6.84 27.27 27.04
CA SER B 312 6.46 26.37 25.95
C SER B 312 6.45 24.91 26.40
N LEU B 313 6.44 24.67 27.71
CA LEU B 313 6.37 23.34 28.29
C LEU B 313 5.19 23.32 29.26
N PRO B 314 3.95 23.29 28.74
CA PRO B 314 2.77 23.62 29.58
C PRO B 314 2.22 22.45 30.37
N TYR B 315 3.06 21.86 31.22
CA TYR B 315 2.62 20.87 32.20
C TYR B 315 2.18 21.59 33.47
N SER B 316 0.91 21.44 33.84
CA SER B 316 0.32 22.23 34.91
C SER B 316 0.32 21.47 36.24
N ILE B 317 0.41 22.22 37.33
CA ILE B 317 0.41 21.63 38.65
C ILE B 317 -0.91 20.90 38.92
N GLN B 318 -2.01 21.41 38.37
CA GLN B 318 -3.30 20.73 38.51
C GLN B 318 -3.25 19.33 37.92
N THR B 319 -2.77 19.21 36.69
CA THR B 319 -2.65 17.89 36.07
C THR B 319 -1.64 17.02 36.80
N ALA B 320 -0.46 17.57 37.09
CA ALA B 320 0.66 16.76 37.58
C ALA B 320 0.38 16.17 38.96
N GLU B 321 -0.35 16.90 39.81
CA GLU B 321 -0.51 16.42 41.18
C GLU B 321 -1.47 15.24 41.25
N LYS B 322 -2.26 15.01 40.21
CA LYS B 322 -3.16 13.87 40.13
C LYS B 322 -2.47 12.60 39.63
N GLN B 323 -1.24 12.68 39.15
CA GLN B 323 -0.59 11.55 38.48
C GLN B 323 0.90 11.51 38.80
N ASN B 324 1.23 11.54 40.10
CA ASN B 324 2.63 11.48 40.47
C ASN B 324 3.27 10.13 40.15
N TRP B 325 2.46 9.08 39.98
CA TRP B 325 3.01 7.81 39.52
C TRP B 325 3.77 7.96 38.21
N LEU B 326 3.35 8.90 37.36
CA LEU B 326 3.94 9.03 36.04
C LEU B 326 5.42 9.41 36.09
N HIS B 327 5.83 10.16 37.13
CA HIS B 327 7.13 10.80 37.10
C HIS B 327 8.28 9.81 37.33
N SER B 328 7.99 8.61 37.82
N SER B 328 7.99 8.61 37.82
CA SER B 328 9.03 7.58 37.89
CA SER B 328 9.02 7.57 37.89
C SER B 328 9.48 7.13 36.50
C SER B 328 9.47 7.12 36.50
N TYR B 329 8.69 7.43 35.46
CA TYR B 329 9.07 7.11 34.09
C TYR B 329 9.92 8.18 33.42
N PHE B 330 10.14 9.33 34.07
CA PHE B 330 10.68 10.50 33.39
C PHE B 330 12.22 10.47 33.31
N HIS B 331 12.73 10.89 32.16
CA HIS B 331 14.17 10.97 31.91
C HIS B 331 14.51 12.38 31.45
N LYS B 332 15.74 12.81 31.74
CA LYS B 332 16.17 14.17 31.42
C LYS B 332 16.28 14.38 29.92
N TRP B 333 16.15 15.65 29.52
CA TRP B 333 16.53 16.06 28.18
C TRP B 333 18.04 16.13 28.09
N SER B 334 18.61 15.41 27.13
CA SER B 334 20.04 15.45 26.88
C SER B 334 20.26 15.27 25.39
N ALA B 335 21.06 16.15 24.78
CA ALA B 335 21.22 16.12 23.32
C ALA B 335 22.62 16.56 22.92
N GLU B 336 23.64 16.01 23.60
CA GLU B 336 25.02 16.28 23.21
C GLU B 336 25.25 15.93 21.75
N THR B 337 24.61 14.87 21.26
CA THR B 337 24.81 14.41 19.88
C THR B 337 24.52 15.50 18.86
N SER B 338 23.57 16.40 19.14
CA SER B 338 23.30 17.49 18.23
C SER B 338 23.61 18.86 18.82
N GLY B 339 24.34 18.91 19.93
CA GLY B 339 24.72 20.16 20.57
C GLY B 339 23.57 20.92 21.21
N ARG B 340 22.49 20.22 21.58
CA ARG B 340 21.23 20.88 21.89
C ARG B 340 20.74 20.58 23.31
N SER B 341 21.61 20.13 24.20
CA SER B 341 21.20 19.88 25.57
C SER B 341 20.59 21.11 26.23
N ASN B 342 20.95 22.31 25.77
CA ASN B 342 20.39 23.51 26.37
C ASN B 342 19.34 24.18 25.50
N ALA B 343 18.95 23.54 24.39
CA ALA B 343 17.85 24.02 23.53
C ALA B 343 16.63 23.17 23.84
N MET B 344 15.73 23.71 24.66
CA MET B 344 14.65 22.88 25.21
C MET B 344 13.79 22.33 24.06
N PRO B 345 13.29 21.11 24.19
CA PRO B 345 12.60 20.49 23.05
C PRO B 345 11.17 21.02 22.89
N HIS B 346 10.83 21.41 21.69
CA HIS B 346 9.43 21.53 21.29
C HIS B 346 9.09 20.50 20.21
N ILE B 347 10.09 19.75 19.75
CA ILE B 347 9.86 18.55 18.96
C ILE B 347 9.17 17.49 19.84
N LYS B 348 8.39 16.60 19.20
CA LYS B 348 7.88 15.38 19.84
C LYS B 348 8.30 14.19 18.99
N THR B 349 8.83 13.15 19.63
CA THR B 349 9.29 11.99 18.89
C THR B 349 8.96 10.73 19.67
N TYR B 350 8.81 9.64 18.93
CA TYR B 350 8.48 8.35 19.51
C TYR B 350 9.25 7.31 18.72
N MET B 351 9.77 6.29 19.40
CA MET B 351 10.67 5.37 18.71
C MET B 351 10.81 4.07 19.48
N ARG B 352 11.35 3.07 18.80
CA ARG B 352 11.48 1.71 19.33
C ARG B 352 12.93 1.26 19.17
N PRO B 353 13.80 1.62 20.11
CA PRO B 353 15.21 1.25 19.98
C PRO B 353 15.47 -0.20 20.39
N SER B 354 16.62 -0.70 19.96
CA SER B 354 17.09 -2.00 20.40
C SER B 354 17.52 -1.94 21.87
N PRO B 355 17.68 -3.10 22.52
CA PRO B 355 18.04 -3.08 23.96
C PRO B 355 19.34 -2.37 24.28
N ASP B 356 20.29 -2.31 23.35
CA ASP B 356 21.49 -1.52 23.56
C ASP B 356 21.47 -0.19 22.81
N PHE B 357 20.30 0.22 22.29
CA PHE B 357 20.08 1.55 21.70
C PHE B 357 20.95 1.81 20.47
N SER B 358 21.46 0.77 19.83
CA SER B 358 22.26 0.96 18.64
C SER B 358 21.43 0.89 17.36
N LYS B 359 20.20 0.38 17.45
CA LYS B 359 19.30 0.21 16.32
C LYS B 359 17.93 0.75 16.72
N ILE B 360 17.11 1.10 15.73
CA ILE B 360 15.71 1.42 16.01
C ILE B 360 14.82 0.70 14.98
N ALA B 361 13.68 0.19 15.46
CA ALA B 361 12.71 -0.46 14.58
C ALA B 361 11.80 0.53 13.87
N TRP B 362 11.66 1.75 14.39
CA TRP B 362 10.87 2.78 13.71
C TRP B 362 11.05 4.09 14.46
N PHE B 363 10.69 5.18 13.79
CA PHE B 363 10.85 6.51 14.37
C PHE B 363 9.70 7.37 13.89
N LEU B 364 9.10 8.12 14.81
CA LEU B 364 7.97 8.99 14.51
C LEU B 364 8.26 10.39 15.03
N VAL B 365 8.08 11.41 14.18
CA VAL B 365 8.15 12.79 14.62
C VAL B 365 6.78 13.40 14.37
N THR B 366 6.25 14.10 15.35
CA THR B 366 4.86 14.50 15.31
C THR B 366 4.67 15.76 16.13
N SER B 367 3.53 16.40 15.95
CA SER B 367 3.08 17.44 16.86
C SER B 367 2.41 16.88 18.11
N ALA B 368 2.19 15.57 18.22
CA ALA B 368 1.35 15.03 19.28
C ALA B 368 2.12 14.82 20.59
N ASN B 369 1.66 15.48 21.65
CA ASN B 369 2.19 15.29 23.00
C ASN B 369 1.62 14.02 23.61
N LEU B 370 2.02 13.73 24.84
CA LEU B 370 1.57 12.53 25.53
C LEU B 370 0.24 12.83 26.22
N SER B 371 -0.85 12.68 25.48
CA SER B 371 -2.18 13.00 25.98
C SER B 371 -3.23 12.18 25.26
N LYS B 372 -4.32 11.86 25.98
CA LYS B 372 -5.48 11.25 25.35
C LYS B 372 -6.08 12.15 24.27
N ALA B 373 -6.00 13.48 24.44
CA ALA B 373 -6.62 14.37 23.48
C ALA B 373 -5.97 14.23 22.11
N ALA B 374 -4.65 14.03 22.09
CA ALA B 374 -3.90 13.97 20.84
C ALA B 374 -3.95 12.57 20.23
N TRP B 375 -3.81 11.55 21.05
CA TRP B 375 -3.65 10.17 20.60
C TRP B 375 -4.96 9.38 20.58
N GLY B 376 -5.96 9.80 21.33
CA GLY B 376 -7.22 9.10 21.35
C GLY B 376 -7.41 8.27 22.60
N ALA B 377 -8.66 8.12 23.01
CA ALA B 377 -9.03 7.29 24.16
C ALA B 377 -10.24 6.44 23.81
N LEU B 378 -10.18 5.15 24.13
CA LEU B 378 -11.29 4.25 23.89
C LEU B 378 -12.48 4.58 24.79
N GLU B 379 -13.69 4.51 24.23
CA GLU B 379 -14.92 4.73 24.96
C GLU B 379 -15.94 3.65 24.59
N LYS B 380 -16.99 3.56 25.39
CA LYS B 380 -18.10 2.63 25.20
C LYS B 380 -17.61 1.19 25.05
N ASN B 381 -16.87 0.75 26.07
CA ASN B 381 -16.34 -0.62 26.15
C ASN B 381 -15.53 -0.99 24.92
N GLY B 382 -14.88 -0.01 24.29
CA GLY B 382 -13.92 -0.27 23.24
C GLY B 382 -14.41 -0.13 21.82
N THR B 383 -15.68 0.23 21.62
CA THR B 383 -16.20 0.35 20.26
C THR B 383 -15.84 1.67 19.60
N GLN B 384 -15.26 2.61 20.35
CA GLN B 384 -15.16 3.99 19.90
C GLN B 384 -13.83 4.59 20.32
N LEU B 385 -13.12 5.20 19.36
CA LEU B 385 -11.92 5.96 19.65
C LEU B 385 -12.26 7.44 19.60
N MET B 386 -12.09 8.14 20.71
CA MET B 386 -12.41 9.56 20.83
C MET B 386 -11.12 10.38 20.78
N ILE B 387 -11.05 11.31 19.83
CA ILE B 387 -9.93 12.23 19.66
C ILE B 387 -10.46 13.65 19.68
N ARG B 388 -9.76 14.55 20.37
CA ARG B 388 -10.20 15.94 20.49
C ARG B 388 -9.46 16.90 19.57
N SER B 389 -8.25 16.55 19.12
CA SER B 389 -7.37 17.52 18.49
C SER B 389 -6.95 17.11 17.09
N TYR B 390 -6.51 18.10 16.33
CA TYR B 390 -5.79 17.84 15.08
C TYR B 390 -4.30 17.69 15.39
N GLU B 391 -3.68 16.65 14.85
CA GLU B 391 -2.25 16.40 15.02
C GLU B 391 -1.71 15.77 13.75
N LEU B 392 -0.41 15.88 13.52
CA LEU B 392 0.17 15.28 12.33
C LEU B 392 1.61 14.90 12.57
N GLY B 393 2.00 13.74 12.07
CA GLY B 393 3.38 13.28 12.15
C GLY B 393 3.70 12.37 11.00
N VAL B 394 4.98 12.03 10.89
CA VAL B 394 5.43 11.10 9.86
C VAL B 394 6.18 9.97 10.53
N LEU B 395 5.94 8.76 10.05
CA LEU B 395 6.55 7.54 10.55
C LEU B 395 7.58 7.03 9.56
N PHE B 396 8.81 6.84 10.04
CA PHE B 396 9.88 6.20 9.31
C PHE B 396 9.90 4.72 9.68
N LEU B 397 9.65 3.86 8.70
CA LEU B 397 9.71 2.41 8.87
C LEU B 397 10.82 1.84 8.01
N PRO B 398 11.67 0.98 8.56
CA PRO B 398 12.80 0.45 7.77
C PRO B 398 12.38 -0.26 6.51
N SER B 399 11.25 -0.97 6.54
CA SER B 399 10.74 -1.64 5.33
C SER B 399 10.53 -0.66 4.19
N ALA B 400 10.13 0.58 4.50
CA ALA B 400 9.91 1.54 3.42
C ALA B 400 11.21 1.97 2.78
N PHE B 401 12.35 1.65 3.38
CA PHE B 401 13.66 1.98 2.83
C PHE B 401 14.44 0.73 2.41
N GLY B 402 13.79 -0.43 2.39
CA GLY B 402 14.47 -1.67 2.04
C GLY B 402 15.40 -2.20 3.11
N LEU B 403 15.12 -1.90 4.38
CA LEU B 403 15.96 -2.26 5.50
C LEU B 403 15.14 -3.06 6.50
N ASP B 404 15.87 -3.76 7.38
CA ASP B 404 15.23 -4.46 8.50
C ASP B 404 15.17 -3.60 9.75
N SER B 405 16.10 -2.66 9.89
CA SER B 405 16.07 -1.69 10.98
C SER B 405 16.98 -0.53 10.59
N PHE B 406 16.94 0.52 11.39
CA PHE B 406 17.82 1.66 11.21
C PHE B 406 18.96 1.58 12.20
N LYS B 407 20.18 1.80 11.72
CA LYS B 407 21.30 2.09 12.60
C LYS B 407 21.16 3.51 13.14
N VAL B 408 21.49 3.72 14.40
CA VAL B 408 21.42 5.05 14.99
C VAL B 408 22.68 5.83 14.66
N LYS B 409 22.52 7.04 14.10
CA LYS B 409 23.66 7.86 13.72
C LYS B 409 24.42 8.30 14.96
N GLN B 410 25.74 8.07 14.96
CA GLN B 410 26.53 8.26 16.18
C GLN B 410 26.57 9.72 16.61
N LYS B 411 26.88 10.62 15.67
CA LYS B 411 26.81 12.05 15.91
C LYS B 411 25.89 12.66 14.85
N PHE B 412 24.90 13.45 15.32
CA PHE B 412 23.79 13.89 14.48
C PHE B 412 24.27 14.58 13.20
N PHE B 413 25.31 15.42 13.30
CA PHE B 413 25.81 16.21 12.18
C PHE B 413 27.06 15.60 11.55
N ALA B 414 27.33 14.32 11.78
CA ALA B 414 28.50 13.64 11.21
C ALA B 414 28.35 13.43 9.70
N PRO B 419 28.05 5.11 5.71
CA PRO B 419 26.90 4.63 4.93
C PRO B 419 25.56 5.10 5.50
N MET B 420 24.98 6.15 4.90
CA MET B 420 23.81 6.81 5.46
C MET B 420 22.54 5.95 5.39
N ALA B 421 22.64 4.68 5.78
CA ALA B 421 21.49 3.89 6.19
C ALA B 421 21.22 4.05 7.69
N THR B 422 21.65 5.18 8.26
CA THR B 422 21.65 5.42 9.70
C THR B 422 20.76 6.60 10.00
N PHE B 423 19.89 6.43 10.99
CA PHE B 423 18.88 7.46 11.26
C PHE B 423 19.42 8.47 12.26
N PRO B 424 19.28 9.78 11.96
CA PRO B 424 19.73 10.88 12.85
C PRO B 424 18.78 11.13 14.02
N VAL B 425 18.91 10.31 15.05
CA VAL B 425 18.16 10.54 16.29
C VAL B 425 18.69 11.80 16.97
N PRO B 426 17.84 12.77 17.31
CA PRO B 426 18.35 14.10 17.73
C PRO B 426 18.81 14.22 19.17
N TYR B 427 18.48 13.29 20.06
CA TYR B 427 18.89 13.35 21.45
C TYR B 427 19.68 12.10 21.81
N ASP B 428 20.23 12.10 23.02
CA ASP B 428 21.19 11.08 23.43
C ASP B 428 20.49 9.82 23.88
N LEU B 429 21.13 8.68 23.59
CA LEU B 429 20.70 7.36 24.04
C LEU B 429 21.84 6.68 24.77
N PRO B 430 21.54 5.90 25.82
CA PRO B 430 20.21 5.74 26.41
C PRO B 430 19.80 7.02 27.14
N PRO B 431 18.50 7.24 27.33
CA PRO B 431 18.06 8.40 28.12
C PRO B 431 18.43 8.22 29.59
N GLU B 432 18.73 9.34 30.24
CA GLU B 432 19.17 9.34 31.64
C GLU B 432 18.00 9.57 32.59
N LEU B 433 17.84 8.67 33.56
CA LEU B 433 16.73 8.80 34.51
C LEU B 433 16.91 10.06 35.36
N TYR B 434 15.77 10.64 35.77
CA TYR B 434 15.79 11.75 36.72
C TYR B 434 16.51 11.32 38.00
N GLY B 435 17.32 12.23 38.57
CA GLY B 435 17.87 12.02 39.89
C GLY B 435 16.83 12.18 40.99
N SER B 436 17.24 11.82 42.21
CA SER B 436 16.34 11.89 43.35
C SER B 436 15.84 13.30 43.62
N LYS B 437 16.64 14.31 43.32
CA LYS B 437 16.24 15.69 43.53
C LYS B 437 15.57 16.32 42.32
N ASP B 438 15.62 15.66 41.16
CA ASP B 438 15.00 16.24 39.98
C ASP B 438 13.47 16.22 40.09
N ARG B 439 12.84 17.20 39.45
CA ARG B 439 11.40 17.26 39.34
C ARG B 439 11.04 17.63 37.91
N PRO B 440 9.89 17.19 37.42
CA PRO B 440 9.48 17.62 36.08
C PRO B 440 9.21 19.11 36.06
N TRP B 441 9.50 19.74 34.93
CA TRP B 441 9.14 21.14 34.78
C TRP B 441 7.62 21.27 34.83
N ILE B 442 7.13 22.13 35.73
CA ILE B 442 5.71 22.46 35.84
C ILE B 442 5.59 23.96 35.69
N TRP B 443 4.83 24.42 34.70
CA TRP B 443 5.03 25.79 34.26
C TRP B 443 4.33 26.84 35.13
N ASN B 444 3.34 26.44 35.93
CA ASN B 444 2.52 27.41 36.64
C ASN B 444 2.72 27.36 38.15
N ILE B 445 3.92 27.00 38.59
CA ILE B 445 4.36 27.22 39.97
C ILE B 445 5.62 28.06 39.92
N PRO B 446 5.97 28.73 41.01
CA PRO B 446 7.16 29.59 40.99
C PRO B 446 8.45 28.83 41.29
N TYR B 447 9.53 29.30 40.69
CA TYR B 447 10.88 28.83 40.97
C TYR B 447 11.68 30.04 41.41
N VAL B 448 11.82 30.19 42.73
CA VAL B 448 12.48 31.36 43.30
C VAL B 448 13.69 31.01 44.14
N LYS B 449 14.02 29.72 44.26
CA LYS B 449 15.24 29.29 44.96
C LYS B 449 16.49 29.67 44.16
N ALA B 450 16.53 29.30 42.88
CA ALA B 450 17.76 29.35 42.13
C ALA B 450 17.58 30.16 40.86
N PRO B 451 18.43 31.14 40.59
CA PRO B 451 18.29 31.93 39.37
C PRO B 451 18.64 31.10 38.15
N ASP B 452 18.08 31.49 37.01
CA ASP B 452 18.33 30.76 35.77
C ASP B 452 19.52 31.34 35.03
N THR B 453 19.68 30.90 33.79
CA THR B 453 20.78 31.30 32.92
C THR B 453 21.00 32.82 32.88
N HIS B 454 19.91 33.59 32.90
CA HIS B 454 20.01 35.03 32.74
C HIS B 454 19.81 35.77 34.07
N GLY B 455 19.95 35.06 35.19
CA GLY B 455 19.89 35.66 36.50
C GLY B 455 18.48 35.89 37.01
N ASN B 456 17.49 35.28 36.40
CA ASN B 456 16.10 35.57 36.68
C ASN B 456 15.43 34.43 37.45
N MET B 457 14.35 34.79 38.13
CA MET B 457 13.46 33.83 38.76
C MET B 457 12.22 33.65 37.88
N TRP B 458 11.39 32.67 38.22
CA TRP B 458 10.18 32.39 37.45
C TRP B 458 8.97 32.56 38.37
N VAL B 459 8.13 33.54 38.09
CA VAL B 459 6.89 33.77 38.83
C VAL B 459 5.74 33.89 37.84
N PRO B 460 4.99 32.81 37.56
CA PRO B 460 3.93 32.81 36.54
C PRO B 460 2.70 33.65 36.93
C10 GNM C . -7.33 -31.01 -19.02
C13 GNM C . -6.15 -28.48 -18.75
C02 GNM C . -4.45 -25.50 -17.06
C04 GNM C . -5.11 -26.85 -17.33
C05 GNM C . -5.29 -27.73 -16.28
C07 GNM C . -6.29 -29.30 -17.66
C08 GNM C . -6.87 -30.57 -17.78
C11 GNM C . -7.19 -30.19 -20.14
C12 GNM C . -6.61 -28.93 -20.01
C14 GNM C . -5.55 -27.22 -18.61
N06 GNM C . -5.86 -28.92 -16.44
O01 GNM C . -3.94 -24.84 -17.98
O03 GNM C . -4.42 -25.06 -15.88
O15 GNM C . -5.42 -26.51 -19.55
BR9 GNM C . -7.04 -31.67 -16.20
C1 EDO D . -7.17 -16.66 -7.78
O1 EDO D . -6.08 -16.52 -6.86
C2 EDO D . -7.20 -15.44 -8.70
O2 EDO D . -5.88 -15.18 -9.18
C1 EDO E . -17.65 -4.76 -26.57
O1 EDO E . -18.68 -5.71 -26.25
C2 EDO E . -16.32 -5.30 -26.10
O2 EDO E . -16.45 -5.80 -24.76
C10 GNM F . 1.31 26.65 26.01
C13 GNM F . 2.03 25.54 23.55
C02 GNM F . 1.74 23.60 20.28
C04 GNM F . 1.44 24.23 21.63
C05 GNM F . 0.18 24.10 22.19
C07 GNM F . 0.77 25.35 24.04
C08 GNM F . 0.40 25.91 25.28
C11 GNM F . 2.60 26.84 25.51
C12 GNM F . 2.96 26.29 24.29
C14 GNM F . 2.40 24.98 22.32
N06 GNM F . -0.15 24.63 23.35
O01 GNM F . 1.08 22.61 19.87
O03 GNM F . 2.63 24.08 19.55
O15 GNM F . 3.50 25.14 21.92
BR9 GNM F . -1.39 25.63 25.95
C1 EDO G . 0.72 11.11 15.87
O1 EDO G . 1.09 11.89 14.71
C2 EDO G . -0.71 11.44 16.31
O2 EDO G . -1.59 11.36 15.18
#